data_7RCM
#
_entry.id   7RCM
#
_cell.length_a   128.793
_cell.length_b   128.793
_cell.length_c   240.652
_cell.angle_alpha   90.000
_cell.angle_beta   90.000
_cell.angle_gamma   120.000
#
_symmetry.space_group_name_H-M   'P 61 2 2'
#
loop_
_entity.id
_entity.type
_entity.pdbx_description
1 polymer Galactokinase
2 non-polymer "ADENOSINE-5'-DIPHOSPHATE"
3 non-polymer alpha-D-galactopyranose
4 non-polymer 'PHOSPHATE ION'
5 non-polymer 'MAGNESIUM ION'
6 non-polymer 'SODIUM ION'
7 non-polymer GLYCEROL
8 water water
#
_entity_poly.entity_id   1
_entity_poly.type   'polypeptide(L)'
_entity_poly.pdbx_seq_one_letter_code
;MAALRQPQVAELLAEARRAFREEFGAEPELAVSAPGRVNLIGEHTDYNQGLVLPMALELMTVLVGSPRKDGLVSLLTTSE
GADEPQRLQFPLPTAQRSLEPGTPRWANYVKGVIQYYPAAPLPGFSAVVVSSVPLGGGLSSSASLEVATYTFLQQLCPDS
GTIAARAQVCQQAEHSFAGMPCGIMDQFISLMGQKGHALLIDCRSLETSLVPLSDPKLAVLITNSNVRHSLASSEYPVRR
RQCEEVARALGAASLREVQLEELEAARDLVSKEGFRRARHVVGEIRRTAQAAAALRRGDYRAFGRLMVESHRSLRDDYEV
SCPELDQLVEAALAVPGVYGSRMTGGGFGGCTVTLLEASAAPHAMRHIQEHYGGTATFYLSQAADGAKVLCL
;
_entity_poly.pdbx_strand_id   A,B
#
# COMPACT_ATOMS: atom_id res chain seq x y z
N ALA A 2 -9.12 -29.93 10.83
CA ALA A 2 -8.35 -28.83 11.46
C ALA A 2 -7.53 -28.15 10.36
N ALA A 3 -7.58 -26.82 10.31
CA ALA A 3 -6.63 -25.97 9.56
C ALA A 3 -5.25 -26.18 10.20
N LEU A 4 -4.19 -26.07 9.41
CA LEU A 4 -2.79 -26.06 9.92
C LEU A 4 -2.53 -24.73 10.66
N ARG A 5 -1.95 -24.80 11.85
CA ARG A 5 -1.59 -23.60 12.67
C ARG A 5 -0.64 -22.76 11.80
N GLN A 6 -0.88 -21.46 11.74
CA GLN A 6 -0.04 -20.48 11.01
C GLN A 6 0.79 -19.72 12.05
N PRO A 7 2.07 -20.07 12.27
CA PRO A 7 2.86 -19.36 13.28
C PRO A 7 2.84 -17.83 13.07
N GLN A 8 2.66 -17.11 14.16
CA GLN A 8 2.80 -15.63 14.30
C GLN A 8 4.27 -15.17 14.09
N VAL A 9 4.48 -13.91 13.74
CA VAL A 9 5.84 -13.37 13.44
C VAL A 9 6.76 -13.52 14.69
N ALA A 10 6.26 -13.32 15.91
CA ALA A 10 7.04 -13.49 17.17
C ALA A 10 7.67 -14.89 17.22
N GLU A 11 6.90 -15.94 16.95
CA GLU A 11 7.37 -17.35 17.03
C GLU A 11 8.45 -17.57 15.96
N LEU A 12 8.27 -16.99 14.77
CA LEU A 12 9.26 -17.13 13.67
C LEU A 12 10.53 -16.33 13.98
N LEU A 13 10.45 -15.07 14.43
CA LEU A 13 11.64 -14.30 14.93
C LEU A 13 12.42 -15.11 15.96
N ALA A 14 11.76 -15.76 16.92
CA ALA A 14 12.42 -16.45 18.05
C ALA A 14 13.15 -17.69 17.54
N GLU A 15 12.56 -18.41 16.57
CA GLU A 15 13.22 -19.57 15.90
C GLU A 15 14.45 -19.08 15.11
N ALA A 16 14.31 -18.00 14.35
CA ALA A 16 15.40 -17.46 13.50
C ALA A 16 16.59 -17.01 14.36
N ARG A 17 16.33 -16.26 15.42
CA ARG A 17 17.38 -15.80 16.38
C ARG A 17 18.08 -17.01 16.98
N ARG A 18 17.32 -18.00 17.42
CA ARG A 18 17.91 -19.20 18.04
C ARG A 18 18.87 -19.85 17.05
N ALA A 19 18.41 -20.10 15.82
CA ALA A 19 19.23 -20.74 14.76
C ALA A 19 20.45 -19.86 14.44
N PHE A 20 20.25 -18.54 14.39
CA PHE A 20 21.33 -17.53 14.12
C PHE A 20 22.35 -17.55 15.28
N ARG A 21 21.90 -17.59 16.53
CA ARG A 21 22.83 -17.69 17.71
C ARG A 21 23.71 -18.95 17.55
N GLU A 22 23.13 -20.10 17.21
CA GLU A 22 23.81 -21.42 17.12
C GLU A 22 24.84 -21.35 16.00
N GLU A 23 24.46 -20.76 14.88
CA GLU A 23 25.28 -20.79 13.65
C GLU A 23 26.40 -19.74 13.70
N PHE A 24 26.11 -18.50 14.13
CA PHE A 24 27.01 -17.33 13.94
C PHE A 24 27.57 -16.82 15.29
N GLY A 25 27.02 -17.23 16.44
CA GLY A 25 27.67 -17.08 17.76
C GLY A 25 27.28 -15.78 18.46
N ALA A 26 26.19 -15.13 18.05
CA ALA A 26 25.77 -13.82 18.60
C ALA A 26 24.35 -13.51 18.12
N GLU A 27 23.68 -12.52 18.71
CA GLU A 27 22.33 -12.09 18.30
C GLU A 27 22.46 -11.42 16.95
N PRO A 28 21.46 -11.63 16.06
CA PRO A 28 21.39 -10.89 14.82
C PRO A 28 21.02 -9.44 15.11
N GLU A 29 21.46 -8.52 14.24
CA GLU A 29 21.26 -7.05 14.28
C GLU A 29 19.95 -6.67 13.55
N LEU A 30 19.56 -7.38 12.48
CA LEU A 30 18.48 -6.89 11.60
C LEU A 30 17.48 -8.01 11.34
N ALA A 31 16.23 -7.66 11.00
CA ALA A 31 15.19 -8.64 10.67
C ALA A 31 14.18 -8.05 9.69
N VAL A 32 13.64 -8.94 8.86
CA VAL A 32 12.56 -8.63 7.88
C VAL A 32 11.63 -9.82 7.77
N SER A 33 10.47 -9.60 7.13
CA SER A 33 9.48 -10.64 6.78
C SER A 33 8.88 -10.31 5.41
N ALA A 34 8.54 -11.34 4.66
CA ALA A 34 7.78 -11.22 3.39
C ALA A 34 6.82 -12.41 3.29
N PRO A 35 5.53 -12.14 2.94
CA PRO A 35 4.51 -13.18 2.88
C PRO A 35 4.53 -13.99 1.59
N GLY A 36 3.96 -15.19 1.71
CA GLY A 36 3.47 -15.95 0.56
C GLY A 36 2.17 -15.34 0.06
N ARG A 37 1.49 -16.02 -0.86
CA ARG A 37 0.21 -15.49 -1.42
C ARG A 37 -0.69 -16.60 -1.96
N VAL A 38 -1.98 -16.27 -2.03
CA VAL A 38 -2.94 -17.06 -2.86
C VAL A 38 -3.50 -16.11 -3.91
N ASN A 39 -3.62 -16.57 -5.15
CA ASN A 39 -4.34 -15.84 -6.23
C ASN A 39 -5.82 -16.23 -6.21
N LEU A 40 -6.69 -15.25 -5.95
CA LEU A 40 -8.16 -15.46 -5.85
C LEU A 40 -8.72 -15.80 -7.25
N ILE A 41 -8.26 -15.08 -8.28
CA ILE A 41 -8.60 -15.27 -9.71
C ILE A 41 -7.58 -14.52 -10.58
N GLY A 42 -7.42 -14.90 -11.84
CA GLY A 42 -6.49 -14.23 -12.74
C GLY A 42 -5.22 -15.03 -12.95
N GLU A 43 -5.35 -16.29 -13.33
CA GLU A 43 -4.23 -17.24 -13.45
C GLU A 43 -3.64 -17.23 -14.87
N HIS A 44 -2.33 -17.20 -14.96
CA HIS A 44 -1.54 -17.27 -16.22
C HIS A 44 -1.90 -16.07 -17.09
N THR A 45 -2.24 -14.95 -16.46
CA THR A 45 -2.47 -13.67 -17.14
C THR A 45 -1.31 -12.69 -16.89
N ASP A 46 -0.57 -12.79 -15.76
CA ASP A 46 0.45 -11.76 -15.38
C ASP A 46 1.46 -11.57 -16.52
N TYR A 47 2.08 -12.65 -17.01
CA TYR A 47 3.07 -12.60 -18.12
C TYR A 47 2.40 -12.32 -19.47
N ASN A 48 1.06 -12.20 -19.52
CA ASN A 48 0.28 -11.81 -20.72
C ASN A 48 -0.18 -10.37 -20.56
N GLN A 49 0.44 -9.66 -19.60
CA GLN A 49 0.20 -8.23 -19.30
C GLN A 49 -1.26 -8.02 -18.92
N GLY A 50 -1.85 -8.96 -18.18
CA GLY A 50 -3.26 -8.99 -17.80
C GLY A 50 -3.55 -8.44 -16.40
N LEU A 51 -4.63 -8.92 -15.81
CA LEU A 51 -5.08 -8.53 -14.46
C LEU A 51 -4.96 -9.76 -13.58
N VAL A 52 -4.59 -9.54 -12.30
CA VAL A 52 -4.56 -10.59 -11.24
C VAL A 52 -5.19 -10.01 -9.97
N LEU A 53 -5.69 -10.89 -9.11
CA LEU A 53 -6.36 -10.49 -7.84
C LEU A 53 -5.83 -11.40 -6.75
N PRO A 54 -4.54 -11.26 -6.38
CA PRO A 54 -3.99 -12.00 -5.23
C PRO A 54 -4.26 -11.30 -3.88
N MET A 55 -4.07 -12.04 -2.79
CA MET A 55 -3.92 -11.50 -1.41
C MET A 55 -2.69 -12.14 -0.75
N ALA A 56 -1.99 -11.39 0.12
CA ALA A 56 -0.87 -11.91 0.93
C ALA A 56 -1.45 -12.84 2.01
N LEU A 57 -0.70 -13.89 2.31
CA LEU A 57 -1.00 -14.83 3.41
C LEU A 57 -0.22 -14.46 4.68
N GLU A 58 -0.71 -14.99 5.82
CA GLU A 58 -0.08 -14.97 7.15
C GLU A 58 1.03 -16.03 7.19
N LEU A 59 1.22 -16.80 6.12
CA LEU A 59 2.41 -17.65 5.94
C LEU A 59 3.53 -16.77 5.39
N MET A 60 4.74 -16.93 5.89
CA MET A 60 5.78 -15.90 5.61
C MET A 60 7.19 -16.46 5.79
N THR A 61 8.13 -15.74 5.21
CA THR A 61 9.58 -15.91 5.38
C THR A 61 10.13 -14.80 6.28
N VAL A 62 10.94 -15.19 7.25
CA VAL A 62 11.63 -14.24 8.16
C VAL A 62 13.12 -14.46 7.99
N LEU A 63 13.83 -13.39 7.62
CA LEU A 63 15.30 -13.32 7.52
C LEU A 63 15.77 -12.47 8.70
N VAL A 64 16.70 -13.01 9.47
CA VAL A 64 17.43 -12.23 10.51
C VAL A 64 18.90 -12.31 10.13
N GLY A 65 19.62 -11.23 10.32
CA GLY A 65 21.07 -11.28 10.03
C GLY A 65 21.77 -10.06 10.54
N SER A 66 23.05 -9.97 10.19
CA SER A 66 23.98 -8.91 10.60
C SER A 66 24.91 -8.62 9.42
N PRO A 67 25.27 -7.35 9.21
CA PRO A 67 26.34 -7.02 8.26
C PRO A 67 27.69 -7.61 8.71
N ARG A 68 28.55 -7.92 7.75
CA ARG A 68 29.93 -8.44 7.91
C ARG A 68 30.88 -7.42 7.29
N LYS A 69 32.17 -7.58 7.59
CA LYS A 69 33.27 -6.70 7.12
C LYS A 69 34.13 -7.43 6.08
N ASP A 70 33.94 -8.74 5.88
CA ASP A 70 34.88 -9.59 5.13
C ASP A 70 34.35 -9.80 3.70
N GLY A 71 33.34 -9.05 3.28
CA GLY A 71 32.69 -9.17 1.95
C GLY A 71 32.14 -10.57 1.67
N LEU A 72 31.89 -11.37 2.70
CA LEU A 72 31.35 -12.75 2.53
C LEU A 72 29.84 -12.73 2.80
N VAL A 73 29.13 -13.64 2.14
CA VAL A 73 27.70 -13.97 2.44
C VAL A 73 27.69 -15.36 3.05
N SER A 74 27.12 -15.47 4.25
CA SER A 74 26.96 -16.74 4.97
C SER A 74 25.49 -16.92 5.31
N LEU A 75 24.90 -18.04 4.86
CA LEU A 75 23.44 -18.27 4.90
C LEU A 75 23.19 -19.60 5.56
N LEU A 76 22.06 -19.67 6.27
CA LEU A 76 21.49 -20.95 6.74
C LEU A 76 19.98 -20.86 6.54
N THR A 77 19.38 -21.90 5.97
CA THR A 77 17.91 -22.07 5.96
C THR A 77 17.58 -23.15 6.96
N THR A 78 16.47 -23.00 7.69
CA THR A 78 15.90 -24.05 8.57
C THR A 78 14.82 -24.89 7.85
N SER A 79 14.41 -24.55 6.62
CA SER A 79 13.47 -25.37 5.79
C SER A 79 14.12 -26.71 5.41
N GLU A 80 13.53 -27.82 5.84
CA GLU A 80 14.03 -29.20 5.54
C GLU A 80 13.59 -29.57 4.11
N GLY A 81 12.66 -28.79 3.53
CA GLY A 81 12.33 -28.84 2.10
C GLY A 81 13.49 -28.42 1.20
N ALA A 82 14.46 -27.64 1.69
CA ALA A 82 15.54 -27.04 0.87
C ALA A 82 16.59 -28.12 0.55
N ASP A 83 17.24 -28.03 -0.63
CA ASP A 83 18.21 -29.06 -1.10
C ASP A 83 19.52 -28.86 -0.35
N GLU A 84 20.27 -29.93 -0.10
CA GLU A 84 21.52 -29.92 0.74
C GLU A 84 22.64 -29.25 -0.04
N PRO A 85 23.57 -28.51 0.62
CA PRO A 85 23.51 -28.23 2.06
C PRO A 85 22.60 -27.03 2.38
N GLN A 86 22.08 -27.01 3.61
CA GLN A 86 21.15 -25.98 4.13
C GLN A 86 21.95 -24.77 4.61
N ARG A 87 23.28 -24.82 4.51
CA ARG A 87 24.15 -23.68 4.83
C ARG A 87 25.22 -23.56 3.75
N LEU A 88 25.67 -22.35 3.52
CA LEU A 88 26.42 -21.95 2.32
C LEU A 88 27.13 -20.61 2.64
N GLN A 89 28.38 -20.50 2.21
CA GLN A 89 29.18 -19.26 2.28
C GLN A 89 29.76 -18.97 0.88
N PHE A 90 29.72 -17.72 0.43
CA PHE A 90 30.29 -17.30 -0.89
C PHE A 90 30.64 -15.81 -0.82
N PRO A 91 31.64 -15.34 -1.63
CA PRO A 91 31.95 -13.91 -1.74
C PRO A 91 30.88 -13.13 -2.48
N LEU A 92 30.65 -11.87 -2.10
CA LEU A 92 29.89 -10.90 -2.92
C LEU A 92 30.52 -10.81 -4.30
N PRO A 93 29.71 -10.54 -5.34
CA PRO A 93 30.26 -10.21 -6.66
C PRO A 93 30.97 -8.85 -6.63
N THR A 94 31.78 -8.56 -7.65
CA THR A 94 32.61 -7.34 -7.76
C THR A 94 32.46 -6.75 -9.17
N ALA A 95 33.38 -5.85 -9.54
CA ALA A 95 33.58 -5.38 -10.94
C ALA A 95 33.79 -6.60 -11.85
N GLN A 96 35.02 -7.17 -11.84
CA GLN A 96 35.40 -8.39 -12.61
C GLN A 96 34.25 -9.38 -12.63
N ARG A 97 33.88 -9.91 -11.45
CA ARG A 97 33.17 -11.20 -11.31
C ARG A 97 31.74 -10.99 -10.78
N SER A 98 30.80 -11.68 -11.39
CA SER A 98 29.39 -11.75 -10.98
C SER A 98 29.14 -13.12 -10.36
N LEU A 99 28.02 -13.27 -9.66
CA LEU A 99 27.54 -14.57 -9.14
C LEU A 99 26.96 -15.35 -10.31
N GLU A 100 26.93 -16.69 -10.24
CA GLU A 100 26.20 -17.52 -11.21
C GLU A 100 25.27 -18.48 -10.50
N PRO A 101 24.23 -18.97 -11.19
CA PRO A 101 23.37 -20.00 -10.61
C PRO A 101 24.26 -21.23 -10.35
N GLY A 102 24.13 -21.89 -9.20
CA GLY A 102 24.84 -23.15 -8.90
C GLY A 102 24.05 -24.03 -7.96
N THR A 103 24.75 -24.71 -7.05
CA THR A 103 24.20 -25.66 -6.05
C THR A 103 24.65 -25.23 -4.65
N PRO A 104 23.77 -25.24 -3.64
CA PRO A 104 22.42 -25.79 -3.76
C PRO A 104 21.48 -24.83 -4.49
N ARG A 105 20.38 -25.36 -5.02
CA ARG A 105 19.44 -24.60 -5.88
C ARG A 105 18.74 -23.52 -5.04
N TRP A 106 18.43 -23.80 -3.77
CA TRP A 106 17.66 -22.82 -2.94
C TRP A 106 18.43 -21.49 -2.82
N ALA A 107 19.77 -21.53 -2.91
CA ALA A 107 20.65 -20.37 -2.65
C ALA A 107 20.63 -19.44 -3.87
N ASN A 108 20.22 -19.96 -5.01
CA ASN A 108 20.23 -19.21 -6.29
C ASN A 108 19.23 -18.07 -6.21
N TYR A 109 18.14 -18.22 -5.43
CA TYR A 109 17.12 -17.17 -5.25
C TYR A 109 17.74 -15.94 -4.57
N VAL A 110 18.62 -16.20 -3.59
CA VAL A 110 19.35 -15.17 -2.80
C VAL A 110 20.53 -14.63 -3.64
N LYS A 111 21.27 -15.49 -4.34
CA LYS A 111 22.40 -15.04 -5.21
C LYS A 111 21.84 -14.06 -6.21
N GLY A 112 20.70 -14.41 -6.80
CA GLY A 112 20.00 -13.63 -7.82
C GLY A 112 19.61 -12.27 -7.33
N VAL A 113 18.99 -12.18 -6.16
CA VAL A 113 18.56 -10.85 -5.66
C VAL A 113 19.81 -10.02 -5.35
N ILE A 114 20.87 -10.66 -4.86
CA ILE A 114 22.16 -9.96 -4.60
C ILE A 114 22.70 -9.42 -5.93
N GLN A 115 22.87 -10.28 -6.94
CA GLN A 115 23.50 -9.90 -8.23
C GLN A 115 22.78 -8.70 -8.86
N TYR A 116 21.45 -8.67 -8.83
CA TYR A 116 20.63 -7.60 -9.50
C TYR A 116 20.18 -6.54 -8.50
N TYR A 117 20.67 -6.53 -7.25
CA TYR A 117 20.30 -5.49 -6.25
C TYR A 117 20.81 -4.15 -6.80
N PRO A 118 19.97 -3.10 -6.92
CA PRO A 118 20.33 -1.94 -7.72
C PRO A 118 21.27 -0.93 -7.01
N ALA A 119 21.45 -0.97 -5.69
CA ALA A 119 22.22 0.06 -4.96
C ALA A 119 23.56 -0.51 -4.45
N ALA A 120 24.54 0.36 -4.25
CA ALA A 120 25.89 0.03 -3.74
C ALA A 120 26.32 1.10 -2.73
N PRO A 121 27.31 0.80 -1.83
CA PRO A 121 27.91 -0.53 -1.72
C PRO A 121 27.21 -1.47 -0.70
N LEU A 122 27.06 -2.72 -1.12
CA LEU A 122 26.45 -3.85 -0.35
C LEU A 122 27.56 -4.48 0.48
N PRO A 123 27.46 -4.53 1.82
CA PRO A 123 28.44 -5.25 2.62
C PRO A 123 28.15 -6.76 2.49
N GLY A 124 29.11 -7.60 2.85
CA GLY A 124 28.86 -8.99 3.27
C GLY A 124 27.79 -9.04 4.37
N PHE A 125 27.20 -10.20 4.60
CA PHE A 125 26.18 -10.40 5.66
C PHE A 125 26.09 -11.87 6.05
N SER A 126 25.74 -12.12 7.30
CA SER A 126 25.33 -13.46 7.79
C SER A 126 23.79 -13.42 7.90
N ALA A 127 23.07 -14.46 7.45
CA ALA A 127 21.60 -14.52 7.62
C ALA A 127 21.09 -15.97 7.81
N VAL A 128 20.03 -16.03 8.61
CA VAL A 128 19.16 -17.22 8.77
C VAL A 128 17.82 -16.91 8.14
N VAL A 129 17.31 -17.86 7.36
N VAL A 129 17.32 -17.87 7.36
CA VAL A 129 15.92 -17.84 6.85
CA VAL A 129 15.92 -17.85 6.85
C VAL A 129 15.13 -18.96 7.56
C VAL A 129 15.14 -18.96 7.57
N VAL A 130 13.95 -18.61 8.06
CA VAL A 130 12.91 -19.56 8.52
C VAL A 130 11.64 -19.23 7.70
N SER A 131 10.75 -20.19 7.53
CA SER A 131 9.53 -19.94 6.72
C SER A 131 8.40 -20.84 7.21
N SER A 132 7.19 -20.31 7.18
CA SER A 132 5.94 -21.07 7.35
C SER A 132 5.25 -21.25 5.99
N VAL A 133 5.80 -20.69 4.89
CA VAL A 133 5.34 -20.99 3.49
C VAL A 133 5.86 -22.36 3.06
N PRO A 134 4.97 -23.30 2.66
CA PRO A 134 5.41 -24.64 2.26
C PRO A 134 6.16 -24.59 0.94
N LEU A 135 7.38 -25.11 0.92
CA LEU A 135 8.30 -25.10 -0.25
C LEU A 135 7.65 -25.92 -1.34
N GLY A 136 7.37 -25.32 -2.50
CA GLY A 136 6.88 -26.07 -3.67
C GLY A 136 5.37 -26.32 -3.62
N GLY A 137 4.65 -25.55 -2.82
CA GLY A 137 3.23 -25.83 -2.54
C GLY A 137 2.33 -24.94 -3.34
N GLY A 138 2.90 -23.98 -4.08
CA GLY A 138 2.10 -23.08 -4.95
C GLY A 138 1.59 -21.84 -4.23
N LEU A 139 2.15 -21.49 -3.05
CA LEU A 139 1.78 -20.25 -2.31
C LEU A 139 2.96 -19.27 -2.31
N SER A 140 3.90 -19.50 -3.22
N SER A 140 3.93 -19.51 -3.19
CA SER A 140 4.99 -18.58 -3.64
CA SER A 140 4.97 -18.54 -3.63
C SER A 140 5.99 -18.37 -2.50
C SER A 140 6.02 -18.36 -2.53
N SER A 141 6.54 -19.47 -1.99
CA SER A 141 7.73 -19.48 -1.08
C SER A 141 8.92 -18.84 -1.81
N SER A 142 8.98 -18.98 -3.15
CA SER A 142 10.03 -18.45 -4.04
C SER A 142 9.98 -16.91 -4.00
N ALA A 143 8.82 -16.29 -4.17
CA ALA A 143 8.72 -14.81 -4.19
C ALA A 143 8.89 -14.25 -2.78
N SER A 144 8.38 -14.98 -1.79
CA SER A 144 8.49 -14.69 -0.34
C SER A 144 9.98 -14.66 0.01
N LEU A 145 10.73 -15.68 -0.40
CA LEU A 145 12.21 -15.76 -0.11
C LEU A 145 12.91 -14.60 -0.83
N GLU A 146 12.52 -14.32 -2.08
CA GLU A 146 13.16 -13.25 -2.89
C GLU A 146 12.92 -11.88 -2.27
N VAL A 147 11.68 -11.60 -1.87
CA VAL A 147 11.25 -10.26 -1.37
C VAL A 147 11.84 -10.04 0.04
N ALA A 148 11.92 -11.08 0.86
CA ALA A 148 12.51 -10.98 2.22
C ALA A 148 14.00 -10.70 2.06
N THR A 149 14.69 -11.37 1.11
CA THR A 149 16.11 -11.11 0.79
C THR A 149 16.27 -9.66 0.34
N TYR A 150 15.47 -9.22 -0.63
CA TYR A 150 15.52 -7.83 -1.14
C TYR A 150 15.40 -6.86 0.04
N THR A 151 14.37 -7.06 0.87
CA THR A 151 14.01 -6.15 1.99
C THR A 151 15.16 -6.12 3.00
N PHE A 152 15.81 -7.28 3.20
CA PHE A 152 17.01 -7.43 4.07
C PHE A 152 18.15 -6.61 3.46
N LEU A 153 18.38 -6.72 2.16
CA LEU A 153 19.48 -5.96 1.47
C LEU A 153 19.25 -4.46 1.63
N GLN A 154 18.01 -3.97 1.59
CA GLN A 154 17.64 -2.53 1.86
C GLN A 154 18.10 -2.06 3.24
N GLN A 155 18.12 -2.94 4.24
CA GLN A 155 18.60 -2.54 5.60
C GLN A 155 20.12 -2.37 5.54
N LEU A 156 20.86 -3.18 4.75
CA LEU A 156 22.33 -3.07 4.61
C LEU A 156 22.69 -1.85 3.79
N CYS A 157 21.89 -1.47 2.79
CA CYS A 157 22.24 -0.48 1.75
C CYS A 157 20.95 0.03 1.11
N PRO A 158 20.41 1.19 1.57
CA PRO A 158 19.10 1.66 1.12
C PRO A 158 19.06 1.84 -0.41
N ASP A 159 17.91 1.55 -1.02
CA ASP A 159 17.73 1.64 -2.49
C ASP A 159 17.05 2.98 -2.75
N SER A 160 16.87 3.41 -3.97
CA SER A 160 16.23 4.73 -4.19
C SER A 160 15.13 4.64 -5.24
N GLY A 161 14.91 3.45 -5.81
CA GLY A 161 13.83 3.23 -6.80
C GLY A 161 12.48 3.04 -6.13
N THR A 162 11.53 2.48 -6.87
CA THR A 162 10.11 2.39 -6.49
C THR A 162 9.78 0.95 -6.09
N ILE A 163 8.55 0.71 -5.66
CA ILE A 163 8.09 -0.60 -5.14
C ILE A 163 8.06 -1.59 -6.32
N ALA A 164 7.61 -1.15 -7.50
CA ALA A 164 7.55 -1.95 -8.76
C ALA A 164 8.96 -2.38 -9.19
N ALA A 165 9.96 -1.52 -9.05
CA ALA A 165 11.36 -1.82 -9.46
C ALA A 165 11.92 -2.94 -8.56
N ARG A 166 11.52 -3.00 -7.31
CA ARG A 166 11.93 -4.08 -6.39
C ARG A 166 11.35 -5.40 -6.91
N ALA A 167 10.09 -5.41 -7.30
CA ALA A 167 9.41 -6.63 -7.81
C ALA A 167 10.15 -7.12 -9.04
N GLN A 168 10.61 -6.19 -9.89
CA GLN A 168 11.30 -6.50 -11.18
C GLN A 168 12.67 -7.12 -10.91
N VAL A 169 13.42 -6.55 -9.97
CA VAL A 169 14.73 -7.12 -9.54
C VAL A 169 14.49 -8.59 -9.14
N CYS A 170 13.44 -8.87 -8.34
CA CYS A 170 13.16 -10.21 -7.77
C CYS A 170 12.71 -11.16 -8.91
N GLN A 171 11.89 -10.65 -9.82
CA GLN A 171 11.41 -11.38 -11.03
C GLN A 171 12.62 -11.79 -11.89
N GLN A 172 13.58 -10.86 -12.08
CA GLN A 172 14.79 -11.06 -12.91
C GLN A 172 15.66 -12.16 -12.29
N ALA A 173 15.83 -12.11 -10.98
CA ALA A 173 16.57 -13.12 -10.19
C ALA A 173 15.95 -14.50 -10.44
N GLU A 174 14.63 -14.59 -10.40
CA GLU A 174 13.90 -15.87 -10.61
C GLU A 174 14.15 -16.37 -12.05
N HIS A 175 14.11 -15.47 -13.02
CA HIS A 175 14.31 -15.74 -14.47
C HIS A 175 15.73 -16.27 -14.71
N SER A 176 16.76 -15.53 -14.26
CA SER A 176 18.20 -15.81 -14.51
C SER A 176 18.76 -16.89 -13.59
N PHE A 177 18.32 -16.93 -12.33
CA PHE A 177 19.01 -17.77 -11.31
C PHE A 177 18.22 -19.05 -11.03
N ALA A 178 16.88 -19.01 -11.09
CA ALA A 178 16.00 -20.16 -10.80
C ALA A 178 15.53 -20.81 -12.10
N GLY A 179 15.75 -20.15 -13.24
CA GLY A 179 15.39 -20.65 -14.58
C GLY A 179 13.88 -20.71 -14.80
N MET A 180 13.12 -19.88 -14.11
CA MET A 180 11.64 -19.90 -14.11
C MET A 180 11.17 -18.53 -14.58
N PRO A 181 10.64 -18.43 -15.82
CA PRO A 181 10.24 -17.16 -16.42
C PRO A 181 8.84 -16.71 -15.98
N CYS A 182 8.70 -16.49 -14.69
CA CYS A 182 7.46 -16.03 -14.02
C CYS A 182 7.12 -14.62 -14.52
N GLY A 183 5.84 -14.24 -14.38
CA GLY A 183 5.38 -12.84 -14.42
C GLY A 183 5.64 -12.16 -13.09
N ILE A 184 5.01 -11.02 -12.84
CA ILE A 184 5.38 -10.13 -11.71
C ILE A 184 4.44 -10.32 -10.52
N MET A 185 3.36 -11.11 -10.65
CA MET A 185 2.28 -11.15 -9.62
C MET A 185 2.88 -11.47 -8.23
N ASP A 186 3.64 -12.55 -8.10
CA ASP A 186 3.98 -13.13 -6.79
C ASP A 186 4.87 -12.17 -5.98
N GLN A 187 5.86 -11.54 -6.64
CA GLN A 187 6.77 -10.51 -6.08
C GLN A 187 5.95 -9.27 -5.74
N PHE A 188 5.00 -8.89 -6.57
CA PHE A 188 4.28 -7.61 -6.36
C PHE A 188 3.40 -7.70 -5.11
N ILE A 189 2.69 -8.82 -4.92
CA ILE A 189 1.73 -8.99 -3.79
C ILE A 189 2.56 -9.12 -2.49
N SER A 190 3.68 -9.87 -2.54
CA SER A 190 4.56 -10.03 -1.36
C SER A 190 5.07 -8.65 -0.91
N LEU A 191 5.31 -7.72 -1.85
CA LEU A 191 5.69 -6.32 -1.52
C LEU A 191 4.47 -5.48 -1.10
N MET A 192 3.31 -5.59 -1.75
CA MET A 192 2.26 -4.54 -1.72
C MET A 192 1.06 -4.98 -0.88
N GLY A 193 0.99 -6.23 -0.44
CA GLY A 193 -0.10 -6.76 0.41
C GLY A 193 -0.40 -5.84 1.59
N GLN A 194 -1.68 -5.53 1.82
CA GLN A 194 -2.17 -4.88 3.05
C GLN A 194 -3.15 -5.86 3.69
N LYS A 195 -3.01 -6.05 4.99
CA LYS A 195 -3.98 -6.82 5.82
C LYS A 195 -5.42 -6.41 5.49
N GLY A 196 -6.31 -7.39 5.41
CA GLY A 196 -7.74 -7.17 5.13
C GLY A 196 -8.00 -6.71 3.69
N HIS A 197 -7.05 -6.87 2.76
CA HIS A 197 -7.18 -6.39 1.36
C HIS A 197 -6.67 -7.41 0.34
N ALA A 198 -7.40 -7.55 -0.75
CA ALA A 198 -6.91 -8.10 -2.04
C ALA A 198 -6.25 -6.98 -2.85
N LEU A 199 -5.30 -7.35 -3.69
CA LEU A 199 -4.60 -6.45 -4.63
C LEU A 199 -5.02 -6.78 -6.07
N LEU A 200 -5.79 -5.90 -6.72
CA LEU A 200 -6.02 -5.95 -8.18
C LEU A 200 -4.81 -5.29 -8.86
N ILE A 201 -3.96 -6.10 -9.48
CA ILE A 201 -2.74 -5.65 -10.20
C ILE A 201 -3.04 -5.68 -11.70
N ASP A 202 -2.90 -4.52 -12.35
CA ASP A 202 -2.79 -4.39 -13.81
C ASP A 202 -1.33 -4.66 -14.20
N CYS A 203 -1.01 -5.85 -14.71
CA CYS A 203 0.40 -6.20 -15.04
C CYS A 203 0.83 -5.52 -16.34
N ARG A 204 -0.03 -4.72 -16.99
CA ARG A 204 0.42 -3.86 -18.11
C ARG A 204 0.91 -2.51 -17.58
N SER A 205 0.09 -1.76 -16.83
CA SER A 205 0.42 -0.40 -16.31
C SER A 205 1.14 -0.48 -14.98
N LEU A 206 1.14 -1.64 -14.32
CA LEU A 206 1.65 -1.79 -12.92
C LEU A 206 0.86 -0.90 -11.94
N GLU A 207 -0.30 -0.40 -12.35
CA GLU A 207 -1.36 0.14 -11.47
C GLU A 207 -1.88 -0.98 -10.59
N THR A 208 -2.21 -0.66 -9.35
CA THR A 208 -2.73 -1.60 -8.33
C THR A 208 -3.87 -0.89 -7.60
N SER A 209 -4.92 -1.63 -7.27
CA SER A 209 -6.00 -1.23 -6.35
C SER A 209 -6.01 -2.17 -5.15
N LEU A 210 -6.02 -1.57 -3.96
CA LEU A 210 -6.27 -2.28 -2.71
C LEU A 210 -7.77 -2.38 -2.54
N VAL A 211 -8.31 -3.59 -2.62
CA VAL A 211 -9.77 -3.82 -2.50
C VAL A 211 -10.05 -4.45 -1.14
N PRO A 212 -10.82 -3.79 -0.23
CA PRO A 212 -11.06 -4.33 1.11
C PRO A 212 -11.75 -5.69 1.05
N LEU A 213 -11.40 -6.59 1.97
CA LEU A 213 -12.06 -7.88 2.27
C LEU A 213 -12.44 -7.87 3.76
N SER A 214 -13.50 -7.14 4.11
CA SER A 214 -13.92 -6.96 5.53
C SER A 214 -15.37 -7.37 5.68
N ASP A 215 -15.72 -8.55 5.18
CA ASP A 215 -16.93 -9.30 5.60
C ASP A 215 -16.43 -10.48 6.41
N PRO A 216 -16.52 -10.45 7.76
CA PRO A 216 -15.99 -11.56 8.56
C PRO A 216 -16.86 -12.83 8.48
N LYS A 217 -18.06 -12.78 7.89
CA LYS A 217 -18.88 -13.99 7.57
C LYS A 217 -18.27 -14.72 6.35
N LEU A 218 -17.39 -14.07 5.62
CA LEU A 218 -16.72 -14.63 4.42
C LEU A 218 -15.34 -15.18 4.82
N ALA A 219 -14.95 -16.35 4.28
CA ALA A 219 -13.65 -16.99 4.57
C ALA A 219 -13.02 -17.52 3.27
N VAL A 220 -11.69 -17.62 3.27
CA VAL A 220 -10.87 -18.15 2.17
C VAL A 220 -10.17 -19.40 2.71
N LEU A 221 -10.56 -20.55 2.19
CA LEU A 221 -9.96 -21.86 2.53
C LEU A 221 -8.96 -22.21 1.43
N ILE A 222 -7.77 -22.59 1.84
CA ILE A 222 -6.67 -23.04 0.95
C ILE A 222 -6.45 -24.51 1.25
N THR A 223 -6.54 -25.36 0.21
CA THR A 223 -6.34 -26.81 0.32
C THR A 223 -5.09 -27.16 -0.48
N ASN A 224 -4.03 -27.61 0.20
CA ASN A 224 -2.80 -28.11 -0.45
C ASN A 224 -3.11 -29.54 -0.87
N SER A 225 -2.95 -29.84 -2.16
CA SER A 225 -3.03 -31.20 -2.72
C SER A 225 -1.92 -32.09 -2.12
N ASN A 226 -0.80 -31.48 -1.72
CA ASN A 226 0.44 -32.19 -1.30
C ASN A 226 0.98 -33.00 -2.48
N VAL A 227 0.58 -32.60 -3.69
CA VAL A 227 1.08 -33.15 -4.97
C VAL A 227 1.88 -32.03 -5.65
N ARG A 228 2.88 -32.40 -6.46
CA ARG A 228 3.57 -31.52 -7.44
C ARG A 228 4.22 -32.43 -8.50
N HIS A 229 3.66 -32.50 -9.72
CA HIS A 229 4.28 -33.14 -10.92
C HIS A 229 5.27 -32.14 -11.54
N SER A 230 6.45 -32.62 -11.99
CA SER A 230 7.44 -31.81 -12.75
C SER A 230 7.16 -31.95 -14.25
N LEU A 231 5.86 -32.02 -14.58
CA LEU A 231 5.21 -31.50 -15.82
C LEU A 231 5.04 -29.97 -15.71
N ALA A 232 5.54 -29.34 -14.63
CA ALA A 232 5.27 -27.92 -14.25
C ALA A 232 6.44 -27.01 -14.65
N SER A 233 7.62 -27.26 -14.07
CA SER A 233 8.92 -26.63 -14.43
C SER A 233 9.17 -26.83 -15.94
N SER A 234 8.52 -27.85 -16.51
CA SER A 234 8.56 -28.16 -17.96
C SER A 234 7.55 -27.28 -18.72
N GLU A 235 6.28 -27.30 -18.32
CA GLU A 235 5.18 -26.84 -19.21
C GLU A 235 4.89 -25.35 -19.01
N TYR A 236 5.27 -24.75 -17.87
CA TYR A 236 5.09 -23.30 -17.62
C TYR A 236 5.71 -22.49 -18.77
N PRO A 237 7.03 -22.62 -19.07
CA PRO A 237 7.63 -21.81 -20.13
C PRO A 237 7.09 -22.13 -21.54
N VAL A 238 6.57 -23.34 -21.73
CA VAL A 238 5.91 -23.77 -22.99
C VAL A 238 4.61 -22.97 -23.14
N ARG A 239 3.78 -22.91 -22.09
CA ARG A 239 2.53 -22.10 -22.10
C ARG A 239 2.88 -20.65 -22.39
N ARG A 240 4.00 -20.18 -21.89
CA ARG A 240 4.37 -18.75 -22.00
C ARG A 240 4.71 -18.45 -23.47
N ARG A 241 5.59 -19.22 -24.10
CA ARG A 241 5.98 -18.98 -25.52
C ARG A 241 4.77 -19.19 -26.43
N GLN A 242 3.99 -20.24 -26.19
CA GLN A 242 2.71 -20.52 -26.88
C GLN A 242 1.87 -19.23 -26.89
N CYS A 243 1.72 -18.56 -25.73
CA CYS A 243 0.96 -17.29 -25.59
C CYS A 243 1.60 -16.20 -26.45
N GLU A 244 2.92 -16.11 -26.43
CA GLU A 244 3.72 -15.08 -27.15
C GLU A 244 3.54 -15.25 -28.67
N GLU A 245 3.47 -16.49 -29.15
CA GLU A 245 3.41 -16.76 -30.61
C GLU A 245 1.98 -16.55 -31.11
N VAL A 246 0.95 -16.82 -30.29
CA VAL A 246 -0.45 -16.44 -30.64
C VAL A 246 -0.58 -14.92 -30.80
N ALA A 247 0.00 -14.12 -29.91
CA ALA A 247 -0.10 -12.64 -29.96
C ALA A 247 0.56 -12.13 -31.25
N ARG A 248 1.81 -12.58 -31.48
CA ARG A 248 2.66 -12.31 -32.67
C ARG A 248 1.85 -12.65 -33.93
N ALA A 249 1.26 -13.85 -33.98
CA ALA A 249 0.44 -14.36 -35.11
C ALA A 249 -0.84 -13.53 -35.29
N LEU A 250 -1.25 -12.73 -34.30
CA LEU A 250 -2.47 -11.87 -34.35
C LEU A 250 -2.08 -10.40 -34.52
N GLY A 251 -0.78 -10.10 -34.59
CA GLY A 251 -0.21 -8.73 -34.71
C GLY A 251 -0.41 -7.89 -33.47
N ALA A 252 -0.56 -8.49 -32.30
CA ALA A 252 -0.78 -7.77 -31.02
C ALA A 252 0.51 -7.83 -30.19
N ALA A 253 0.74 -6.83 -29.33
CA ALA A 253 1.91 -6.74 -28.43
C ALA A 253 1.78 -7.80 -27.31
N SER A 254 0.57 -8.02 -26.84
CA SER A 254 0.26 -9.06 -25.84
C SER A 254 -1.22 -9.44 -25.98
N LEU A 255 -1.64 -10.52 -25.31
CA LEU A 255 -3.04 -10.99 -25.39
C LEU A 255 -3.94 -10.00 -24.65
N ARG A 256 -3.36 -9.10 -23.87
CA ARG A 256 -4.11 -7.99 -23.22
C ARG A 256 -4.76 -7.10 -24.28
N GLU A 257 -4.14 -6.96 -25.46
CA GLU A 257 -4.63 -6.12 -26.60
C GLU A 257 -5.71 -6.82 -27.43
N VAL A 258 -6.06 -8.07 -27.13
CA VAL A 258 -7.07 -8.87 -27.88
C VAL A 258 -8.35 -9.00 -27.03
N GLN A 259 -9.49 -8.53 -27.55
CA GLN A 259 -10.80 -8.71 -26.88
C GLN A 259 -11.28 -10.12 -27.23
N LEU A 260 -12.08 -10.74 -26.36
CA LEU A 260 -12.46 -12.16 -26.48
C LEU A 260 -13.20 -12.40 -27.84
N GLU A 261 -14.10 -11.51 -28.27
CA GLU A 261 -14.94 -11.69 -29.49
C GLU A 261 -14.06 -11.55 -30.74
N GLU A 262 -13.13 -10.58 -30.72
CA GLU A 262 -12.05 -10.43 -31.74
C GLU A 262 -11.23 -11.74 -31.85
N LEU A 263 -10.97 -12.46 -30.74
CA LEU A 263 -10.13 -13.68 -30.75
C LEU A 263 -10.94 -14.84 -31.35
N GLU A 264 -12.21 -14.97 -30.95
CA GLU A 264 -13.13 -16.04 -31.46
C GLU A 264 -13.24 -15.91 -32.99
N ALA A 265 -13.23 -14.69 -33.54
CA ALA A 265 -13.38 -14.44 -35.00
C ALA A 265 -12.02 -14.60 -35.70
N ALA A 266 -10.91 -14.83 -34.98
CA ALA A 266 -9.55 -14.89 -35.58
C ALA A 266 -8.96 -16.29 -35.39
N ARG A 267 -9.83 -17.29 -35.23
CA ARG A 267 -9.46 -18.72 -35.01
C ARG A 267 -8.46 -19.23 -36.06
N ASP A 268 -8.55 -18.77 -37.32
CA ASP A 268 -7.83 -19.35 -38.48
C ASP A 268 -6.40 -18.83 -38.57
N LEU A 269 -6.08 -17.78 -37.81
CA LEU A 269 -4.72 -17.18 -37.75
C LEU A 269 -3.78 -18.05 -36.92
N VAL A 270 -4.28 -18.97 -36.08
CA VAL A 270 -3.42 -19.68 -35.08
C VAL A 270 -3.76 -21.16 -34.96
N SER A 271 -2.83 -21.96 -34.41
CA SER A 271 -3.00 -23.40 -34.07
C SER A 271 -4.21 -23.56 -33.15
N LYS A 272 -4.94 -24.67 -33.27
CA LYS A 272 -6.12 -24.95 -32.41
C LYS A 272 -5.64 -25.09 -30.95
N GLU A 273 -4.35 -25.39 -30.72
CA GLU A 273 -3.73 -25.44 -29.36
C GLU A 273 -3.53 -24.02 -28.82
N GLY A 274 -2.70 -23.23 -29.50
CA GLY A 274 -2.51 -21.78 -29.26
C GLY A 274 -3.84 -21.07 -29.10
N PHE A 275 -4.86 -21.44 -29.88
CA PHE A 275 -6.19 -20.79 -29.81
C PHE A 275 -6.78 -20.97 -28.41
N ARG A 276 -6.78 -22.21 -27.91
CA ARG A 276 -7.40 -22.59 -26.60
C ARG A 276 -6.58 -21.95 -25.46
N ARG A 277 -5.25 -21.95 -25.56
CA ARG A 277 -4.37 -21.21 -24.63
C ARG A 277 -4.84 -19.76 -24.57
N ALA A 278 -4.99 -19.09 -25.71
CA ALA A 278 -5.33 -17.66 -25.79
C ALA A 278 -6.74 -17.41 -25.24
N ARG A 279 -7.67 -18.34 -25.46
CA ARG A 279 -9.07 -18.20 -25.01
C ARG A 279 -9.12 -18.23 -23.47
N HIS A 280 -8.39 -19.14 -22.85
CA HIS A 280 -8.18 -19.09 -21.39
C HIS A 280 -7.77 -17.66 -21.00
N VAL A 281 -6.65 -17.19 -21.55
CA VAL A 281 -6.01 -15.92 -21.11
C VAL A 281 -7.01 -14.77 -21.25
N VAL A 282 -7.51 -14.52 -22.45
CA VAL A 282 -8.29 -13.29 -22.76
C VAL A 282 -9.56 -13.30 -21.90
N GLY A 283 -10.14 -14.49 -21.73
CA GLY A 283 -11.36 -14.69 -20.91
C GLY A 283 -11.04 -14.56 -19.43
N GLU A 284 -9.89 -15.06 -18.98
CA GLU A 284 -9.46 -14.92 -17.55
C GLU A 284 -9.26 -13.44 -17.23
N ILE A 285 -8.64 -12.67 -18.11
CA ILE A 285 -8.48 -11.19 -17.91
C ILE A 285 -9.87 -10.57 -17.72
N ARG A 286 -10.85 -10.89 -18.56
CA ARG A 286 -12.23 -10.31 -18.43
C ARG A 286 -12.87 -10.75 -17.09
N ARG A 287 -12.78 -12.03 -16.76
CA ARG A 287 -13.31 -12.64 -15.50
C ARG A 287 -12.73 -11.93 -14.25
N THR A 288 -11.45 -11.55 -14.27
CA THR A 288 -10.76 -10.85 -13.17
C THR A 288 -11.34 -9.46 -12.96
N ALA A 289 -11.62 -8.70 -14.03
CA ALA A 289 -12.25 -7.37 -13.88
C ALA A 289 -13.66 -7.59 -13.32
N GLN A 290 -14.39 -8.60 -13.82
CA GLN A 290 -15.77 -8.88 -13.34
C GLN A 290 -15.72 -9.32 -11.87
N ALA A 291 -14.74 -10.14 -11.48
CA ALA A 291 -14.55 -10.63 -10.10
C ALA A 291 -14.26 -9.46 -9.15
N ALA A 292 -13.32 -8.58 -9.51
CA ALA A 292 -13.05 -7.33 -8.77
C ALA A 292 -14.37 -6.58 -8.54
N ALA A 293 -15.21 -6.42 -9.57
CA ALA A 293 -16.46 -5.62 -9.46
C ALA A 293 -17.45 -6.30 -8.51
N ALA A 294 -17.53 -7.64 -8.58
CA ALA A 294 -18.38 -8.45 -7.69
C ALA A 294 -17.96 -8.24 -6.22
N LEU A 295 -16.65 -8.30 -5.96
CA LEU A 295 -16.04 -8.06 -4.63
C LEU A 295 -16.46 -6.69 -4.10
N ARG A 296 -16.26 -5.63 -4.88
CA ARG A 296 -16.70 -4.24 -4.56
C ARG A 296 -18.18 -4.17 -4.20
N ARG A 297 -19.10 -4.98 -4.73
CA ARG A 297 -20.52 -4.83 -4.29
C ARG A 297 -20.94 -6.02 -3.41
N GLY A 298 -20.01 -6.85 -2.93
CA GLY A 298 -20.28 -7.96 -1.98
C GLY A 298 -21.13 -9.07 -2.60
N ASP A 299 -21.04 -9.23 -3.92
CA ASP A 299 -21.69 -10.35 -4.66
C ASP A 299 -20.72 -11.54 -4.66
N TYR A 300 -20.67 -12.31 -3.57
CA TYR A 300 -19.80 -13.50 -3.45
C TYR A 300 -20.32 -14.64 -4.32
N ARG A 301 -21.62 -14.72 -4.55
CA ARG A 301 -22.19 -15.69 -5.54
C ARG A 301 -21.52 -15.46 -6.89
N ALA A 302 -21.58 -14.23 -7.42
CA ALA A 302 -20.97 -13.87 -8.73
C ALA A 302 -19.46 -14.12 -8.69
N PHE A 303 -18.78 -13.75 -7.61
CA PHE A 303 -17.33 -13.97 -7.46
C PHE A 303 -17.04 -15.47 -7.53
N GLY A 304 -17.81 -16.23 -6.76
CA GLY A 304 -17.73 -17.70 -6.67
C GLY A 304 -17.88 -18.35 -8.05
N ARG A 305 -18.90 -17.98 -8.83
CA ARG A 305 -19.18 -18.66 -10.12
C ARG A 305 -17.99 -18.39 -11.05
N LEU A 306 -17.45 -17.16 -11.04
CA LEU A 306 -16.28 -16.72 -11.86
C LEU A 306 -15.04 -17.54 -11.49
N MET A 307 -14.88 -17.90 -10.22
CA MET A 307 -13.75 -18.78 -9.80
C MET A 307 -13.92 -20.15 -10.47
N VAL A 308 -15.14 -20.67 -10.50
CA VAL A 308 -15.43 -22.03 -11.05
C VAL A 308 -15.18 -22.00 -12.55
N GLU A 309 -15.57 -20.93 -13.27
CA GLU A 309 -15.28 -20.74 -14.72
C GLU A 309 -13.76 -20.64 -14.93
N SER A 310 -13.03 -19.95 -14.04
CA SER A 310 -11.56 -19.86 -14.13
C SER A 310 -10.95 -21.27 -14.07
N HIS A 311 -11.51 -22.11 -13.20
CA HIS A 311 -11.00 -23.49 -12.95
C HIS A 311 -11.24 -24.35 -14.20
N ARG A 312 -12.49 -24.38 -14.68
CA ARG A 312 -12.93 -25.18 -15.86
C ARG A 312 -12.05 -24.79 -17.05
N SER A 313 -11.75 -23.48 -17.16
CA SER A 313 -10.90 -22.87 -18.21
C SER A 313 -9.44 -23.33 -18.07
N LEU A 314 -8.88 -23.32 -16.86
CA LEU A 314 -7.48 -23.77 -16.61
C LEU A 314 -7.37 -25.27 -16.86
N ARG A 315 -8.43 -26.03 -16.56
CA ARG A 315 -8.46 -27.51 -16.71
C ARG A 315 -8.51 -27.87 -18.21
N ASP A 316 -9.41 -27.26 -18.97
CA ASP A 316 -9.75 -27.70 -20.36
C ASP A 316 -8.95 -26.92 -21.40
N ASP A 317 -9.06 -25.58 -21.40
CA ASP A 317 -8.38 -24.68 -22.37
C ASP A 317 -6.88 -24.56 -22.09
N TYR A 318 -6.44 -24.35 -20.83
CA TYR A 318 -5.00 -24.08 -20.53
C TYR A 318 -4.25 -25.36 -20.12
N GLU A 319 -4.96 -26.41 -19.70
CA GLU A 319 -4.40 -27.75 -19.35
C GLU A 319 -3.22 -27.62 -18.37
N VAL A 320 -3.45 -26.97 -17.23
CA VAL A 320 -2.46 -26.82 -16.12
C VAL A 320 -3.06 -27.28 -14.80
N SER A 321 -4.25 -27.92 -14.81
CA SER A 321 -4.78 -28.66 -13.63
C SER A 321 -4.25 -30.10 -13.70
N CYS A 322 -4.66 -30.94 -12.76
CA CYS A 322 -4.33 -32.37 -12.66
C CYS A 322 -5.45 -33.05 -11.87
N PRO A 323 -5.53 -34.39 -11.86
CA PRO A 323 -6.69 -35.08 -11.28
C PRO A 323 -6.92 -34.67 -9.81
N GLU A 324 -5.83 -34.53 -9.05
CA GLU A 324 -5.86 -34.18 -7.61
C GLU A 324 -6.59 -32.85 -7.42
N LEU A 325 -6.20 -31.82 -8.15
CA LEU A 325 -6.81 -30.46 -8.05
C LEU A 325 -8.30 -30.51 -8.42
N ASP A 326 -8.69 -31.31 -9.41
CA ASP A 326 -10.07 -31.35 -9.94
C ASP A 326 -11.00 -32.10 -8.97
N GLN A 327 -10.49 -33.13 -8.30
CA GLN A 327 -11.19 -33.87 -7.23
C GLN A 327 -11.40 -32.91 -6.04
N LEU A 328 -10.39 -32.12 -5.71
CA LEU A 328 -10.41 -31.15 -4.58
C LEU A 328 -11.48 -30.08 -4.83
N VAL A 329 -11.53 -29.54 -6.04
CA VAL A 329 -12.50 -28.49 -6.47
C VAL A 329 -13.92 -29.07 -6.43
N GLU A 330 -14.16 -30.19 -7.12
CA GLU A 330 -15.53 -30.74 -7.26
C GLU A 330 -16.01 -31.18 -5.87
N ALA A 331 -15.10 -31.59 -4.98
CA ALA A 331 -15.46 -31.95 -3.59
C ALA A 331 -15.92 -30.68 -2.85
N ALA A 332 -15.23 -29.55 -3.04
CA ALA A 332 -15.51 -28.26 -2.36
C ALA A 332 -16.88 -27.73 -2.80
N LEU A 333 -17.14 -27.76 -4.10
CA LEU A 333 -18.37 -27.21 -4.72
C LEU A 333 -19.61 -27.95 -4.20
N ALA A 334 -19.48 -29.19 -3.72
CA ALA A 334 -20.60 -30.01 -3.20
C ALA A 334 -20.93 -29.62 -1.76
N VAL A 335 -20.13 -28.75 -1.11
CA VAL A 335 -20.38 -28.34 0.31
C VAL A 335 -21.30 -27.12 0.32
N PRO A 336 -22.46 -27.19 1.00
CA PRO A 336 -23.32 -26.01 1.17
C PRO A 336 -22.58 -24.92 1.96
N GLY A 337 -22.68 -23.67 1.50
CA GLY A 337 -21.95 -22.50 2.01
C GLY A 337 -20.73 -22.12 1.18
N VAL A 338 -20.24 -23.02 0.31
CA VAL A 338 -19.10 -22.72 -0.61
C VAL A 338 -19.61 -21.95 -1.82
N TYR A 339 -19.02 -20.79 -2.14
CA TYR A 339 -19.43 -19.97 -3.32
C TYR A 339 -18.68 -20.44 -4.57
N GLY A 340 -17.39 -20.77 -4.46
CA GLY A 340 -16.56 -21.13 -5.62
C GLY A 340 -15.25 -21.77 -5.18
N SER A 341 -14.61 -22.50 -6.07
CA SER A 341 -13.31 -23.16 -5.80
C SER A 341 -12.59 -23.32 -7.13
N ARG A 342 -11.26 -23.25 -7.09
CA ARG A 342 -10.39 -23.32 -8.30
C ARG A 342 -8.96 -23.59 -7.86
N MET A 343 -8.17 -24.23 -8.72
CA MET A 343 -6.70 -24.27 -8.56
C MET A 343 -6.23 -22.83 -8.54
N THR A 344 -5.12 -22.56 -7.83
CA THR A 344 -4.47 -21.23 -7.67
C THR A 344 -2.98 -21.44 -7.99
N GLY A 345 -2.28 -20.40 -8.45
CA GLY A 345 -0.86 -20.46 -8.85
C GLY A 345 -0.65 -21.18 -10.17
N GLY A 346 0.52 -21.80 -10.31
CA GLY A 346 1.09 -22.27 -11.59
C GLY A 346 0.32 -23.43 -12.19
N GLY A 347 -0.04 -24.42 -11.36
CA GLY A 347 -0.75 -25.65 -11.82
C GLY A 347 0.07 -26.90 -11.57
N PHE A 348 -0.44 -28.03 -12.05
CA PHE A 348 0.24 -29.34 -12.14
C PHE A 348 0.47 -29.90 -10.74
N GLY A 349 -0.29 -29.37 -9.76
CA GLY A 349 -0.09 -29.56 -8.31
C GLY A 349 -0.46 -28.34 -7.48
N GLY A 350 -0.01 -28.30 -6.23
CA GLY A 350 -0.17 -27.15 -5.34
C GLY A 350 -1.55 -27.15 -4.72
N CYS A 351 -2.14 -25.96 -4.58
CA CYS A 351 -3.35 -25.73 -3.74
C CYS A 351 -4.53 -25.29 -4.60
N THR A 352 -5.71 -25.45 -4.01
CA THR A 352 -6.98 -24.81 -4.41
C THR A 352 -7.24 -23.65 -3.46
N VAL A 353 -8.03 -22.70 -3.92
CA VAL A 353 -8.60 -21.60 -3.09
C VAL A 353 -10.11 -21.73 -3.17
N THR A 354 -10.78 -21.64 -2.03
CA THR A 354 -12.23 -21.81 -1.91
C THR A 354 -12.78 -20.59 -1.15
N LEU A 355 -13.74 -19.89 -1.76
CA LEU A 355 -14.49 -18.83 -1.09
C LEU A 355 -15.75 -19.46 -0.50
N LEU A 356 -15.92 -19.43 0.84
CA LEU A 356 -17.08 -20.04 1.53
C LEU A 356 -17.50 -19.16 2.73
N GLU A 357 -18.73 -19.39 3.23
CA GLU A 357 -19.19 -18.94 4.56
C GLU A 357 -18.20 -19.44 5.60
N ALA A 358 -17.71 -18.52 6.45
CA ALA A 358 -16.92 -18.80 7.67
C ALA A 358 -17.48 -20.01 8.42
N SER A 359 -18.79 -20.04 8.70
CA SER A 359 -19.43 -21.13 9.51
C SER A 359 -19.46 -22.47 8.75
N ALA A 360 -19.22 -22.51 7.43
CA ALA A 360 -19.15 -23.76 6.65
C ALA A 360 -17.72 -24.36 6.64
N ALA A 361 -16.67 -23.62 6.98
CA ALA A 361 -15.26 -24.07 6.80
C ALA A 361 -15.01 -25.42 7.47
N PRO A 362 -15.45 -25.67 8.73
CA PRO A 362 -15.22 -26.95 9.39
C PRO A 362 -15.79 -28.16 8.63
N HIS A 363 -17.04 -28.05 8.15
CA HIS A 363 -17.72 -29.08 7.30
C HIS A 363 -16.94 -29.29 5.99
N ALA A 364 -16.52 -28.21 5.32
CA ALA A 364 -15.77 -28.23 4.04
C ALA A 364 -14.47 -29.01 4.23
N MET A 365 -13.73 -28.78 5.32
CA MET A 365 -12.44 -29.49 5.55
C MET A 365 -12.69 -31.00 5.76
N ARG A 366 -13.75 -31.40 6.47
CA ARG A 366 -14.13 -32.82 6.62
C ARG A 366 -14.49 -33.41 5.24
N HIS A 367 -15.38 -32.76 4.49
CA HIS A 367 -15.91 -33.26 3.20
C HIS A 367 -14.76 -33.44 2.18
N ILE A 368 -13.98 -32.38 1.96
CA ILE A 368 -12.84 -32.34 0.99
C ILE A 368 -11.82 -33.46 1.30
N GLN A 369 -11.44 -33.65 2.56
CA GLN A 369 -10.43 -34.67 2.95
C GLN A 369 -11.01 -36.08 2.77
N GLU A 370 -12.26 -36.26 3.17
CA GLU A 370 -13.00 -37.56 3.16
C GLU A 370 -13.13 -37.99 1.69
N HIS A 371 -13.33 -37.02 0.78
CA HIS A 371 -13.59 -37.22 -0.67
C HIS A 371 -12.32 -37.03 -1.51
N TYR A 372 -11.13 -36.94 -0.91
CA TYR A 372 -9.84 -36.76 -1.64
C TYR A 372 -8.98 -38.01 -1.51
N GLY A 373 -8.57 -38.59 -2.65
CA GLY A 373 -7.70 -39.78 -2.75
C GLY A 373 -6.38 -39.60 -2.02
N GLY A 374 -5.86 -38.37 -1.88
CA GLY A 374 -4.59 -38.12 -1.18
C GLY A 374 -4.79 -37.66 0.26
N THR A 375 -3.84 -36.85 0.75
CA THR A 375 -3.86 -36.18 2.08
C THR A 375 -3.81 -34.67 1.89
N ALA A 376 -4.98 -34.02 1.95
CA ALA A 376 -5.09 -32.55 1.91
C ALA A 376 -4.58 -31.99 3.23
N THR A 377 -3.88 -30.85 3.20
CA THR A 377 -3.68 -29.94 4.36
C THR A 377 -4.46 -28.67 4.04
N PHE A 378 -4.93 -27.96 5.07
CA PHE A 378 -5.79 -26.76 4.95
C PHE A 378 -5.15 -25.55 5.62
N TYR A 379 -5.43 -24.36 5.10
CA TYR A 379 -5.12 -23.07 5.76
C TYR A 379 -6.36 -22.18 5.68
N LEU A 380 -6.84 -21.70 6.83
CA LEU A 380 -7.90 -20.66 6.85
C LEU A 380 -7.18 -19.32 6.95
N SER A 381 -6.98 -18.65 5.81
CA SER A 381 -6.11 -17.47 5.78
C SER A 381 -6.93 -16.21 5.50
N GLN A 382 -6.58 -15.17 6.23
CA GLN A 382 -7.03 -13.78 6.01
C GLN A 382 -6.01 -13.05 5.15
N ALA A 383 -6.44 -11.98 4.48
CA ALA A 383 -5.54 -11.11 3.72
C ALA A 383 -4.56 -10.50 4.73
N ALA A 384 -3.28 -10.63 4.47
CA ALA A 384 -2.22 -10.23 5.41
C ALA A 384 -1.45 -9.05 4.81
N ASP A 385 -0.48 -8.56 5.59
CA ASP A 385 0.43 -7.46 5.23
C ASP A 385 1.50 -7.96 4.26
N GLY A 386 2.06 -7.01 3.51
CA GLY A 386 3.27 -7.20 2.71
C GLY A 386 4.55 -7.12 3.53
N ALA A 387 5.65 -7.11 2.81
CA ALA A 387 7.01 -7.16 3.35
C ALA A 387 7.20 -6.03 4.36
N LYS A 388 8.03 -6.27 5.35
CA LYS A 388 8.32 -5.21 6.34
C LYS A 388 9.61 -5.52 7.10
N VAL A 389 10.10 -4.46 7.73
CA VAL A 389 11.25 -4.49 8.67
C VAL A 389 10.68 -4.92 10.01
N LEU A 390 11.40 -5.75 10.73
CA LEU A 390 11.15 -6.07 12.16
C LEU A 390 12.34 -5.59 13.00
N CYS A 391 12.13 -4.71 13.97
CA CYS A 391 13.17 -4.10 14.84
C CYS A 391 13.48 -5.09 15.95
N LEU A 392 14.71 -5.58 15.96
CA LEU A 392 15.25 -6.42 17.04
C LEU A 392 15.78 -5.45 18.11
N ALA B 2 14.31 29.94 -4.88
CA ALA B 2 14.92 28.62 -4.51
C ALA B 2 13.97 27.86 -3.57
N ALA B 3 13.79 26.57 -3.83
CA ALA B 3 12.94 25.70 -2.99
C ALA B 3 13.65 25.54 -1.64
N LEU B 4 12.85 25.33 -0.57
CA LEU B 4 13.30 25.02 0.81
C LEU B 4 13.97 23.65 0.84
N ARG B 5 15.14 23.53 1.44
CA ARG B 5 15.76 22.21 1.66
C ARG B 5 14.83 21.41 2.62
N GLN B 6 14.45 20.22 2.17
CA GLN B 6 13.64 19.24 2.92
C GLN B 6 14.64 18.27 3.55
N PRO B 7 14.80 18.29 4.91
CA PRO B 7 15.78 17.42 5.56
C PRO B 7 15.31 15.97 5.42
N GLN B 8 16.24 15.04 5.21
CA GLN B 8 15.89 13.60 5.11
C GLN B 8 15.62 13.03 6.53
N VAL B 9 14.98 11.86 6.55
CA VAL B 9 14.62 11.10 7.77
C VAL B 9 15.86 11.05 8.69
N ALA B 10 17.06 10.68 8.21
CA ALA B 10 18.28 10.54 9.07
C ALA B 10 18.60 11.84 9.83
N GLU B 11 18.40 13.01 9.23
CA GLU B 11 18.63 14.36 9.83
C GLU B 11 17.59 14.59 10.92
N LEU B 12 16.29 14.40 10.66
CA LEU B 12 15.25 14.63 11.71
C LEU B 12 15.46 13.63 12.88
N LEU B 13 15.74 12.38 12.54
CA LEU B 13 15.98 11.25 13.46
C LEU B 13 17.21 11.57 14.33
N ALA B 14 18.21 12.26 13.77
CA ALA B 14 19.43 12.68 14.50
C ALA B 14 19.11 13.81 15.50
N GLU B 15 18.30 14.81 15.11
CA GLU B 15 17.85 15.91 16.01
C GLU B 15 16.92 15.32 17.08
N ALA B 16 16.13 14.31 16.73
CA ALA B 16 15.17 13.71 17.67
C ALA B 16 15.97 12.97 18.76
N ARG B 17 17.01 12.22 18.38
CA ARG B 17 17.87 11.41 19.28
C ARG B 17 18.61 12.33 20.24
N ARG B 18 19.22 13.39 19.71
CA ARG B 18 19.95 14.40 20.49
C ARG B 18 19.01 15.04 21.53
N ALA B 19 17.83 15.55 21.14
CA ALA B 19 16.89 16.24 22.05
C ALA B 19 16.36 15.29 23.13
N PHE B 20 16.20 14.00 22.79
CA PHE B 20 15.67 12.97 23.70
C PHE B 20 16.72 12.62 24.77
N ARG B 21 17.95 12.33 24.32
CA ARG B 21 19.15 11.95 25.11
C ARG B 21 19.42 13.04 26.17
N GLU B 22 19.29 14.32 25.79
CA GLU B 22 19.32 15.54 26.63
C GLU B 22 18.23 15.44 27.69
N GLU B 23 16.97 15.32 27.27
CA GLU B 23 15.75 15.52 28.08
C GLU B 23 15.53 14.40 29.12
N PHE B 24 15.83 13.16 28.76
CA PHE B 24 15.44 11.94 29.52
C PHE B 24 16.66 11.19 30.06
N GLY B 25 17.86 11.49 29.57
CA GLY B 25 19.11 11.01 30.15
C GLY B 25 19.64 9.75 29.50
N ALA B 26 19.00 9.24 28.44
CA ALA B 26 19.35 7.96 27.76
C ALA B 26 19.00 8.02 26.26
N GLU B 27 19.62 7.18 25.42
CA GLU B 27 19.26 6.96 23.98
C GLU B 27 17.84 6.41 23.94
N PRO B 28 16.96 6.88 23.02
CA PRO B 28 15.61 6.32 22.90
C PRO B 28 15.69 4.91 22.30
N GLU B 29 14.71 4.07 22.57
CA GLU B 29 14.70 2.65 22.13
C GLU B 29 13.99 2.52 20.76
N LEU B 30 13.03 3.39 20.45
CA LEU B 30 12.02 3.20 19.37
C LEU B 30 11.93 4.48 18.54
N ALA B 31 11.63 4.32 17.25
CA ALA B 31 11.51 5.47 16.34
C ALA B 31 10.55 5.15 15.18
N VAL B 32 9.86 6.17 14.69
CA VAL B 32 8.88 6.09 13.59
C VAL B 32 8.89 7.42 12.86
N SER B 33 8.40 7.43 11.60
CA SER B 33 8.14 8.64 10.80
C SER B 33 6.74 8.56 10.19
N ALA B 34 6.10 9.70 10.01
CA ALA B 34 4.85 9.82 9.26
C ALA B 34 4.84 11.15 8.53
N PRO B 35 4.55 11.13 7.21
CA PRO B 35 4.66 12.33 6.37
C PRO B 35 3.43 13.22 6.39
N GLY B 36 3.66 14.47 5.99
CA GLY B 36 2.61 15.39 5.53
C GLY B 36 2.17 15.03 4.12
N ARG B 37 1.34 15.87 3.53
CA ARG B 37 0.67 15.54 2.26
C ARG B 37 0.28 16.81 1.50
N VAL B 38 0.18 16.69 0.17
CA VAL B 38 -0.51 17.68 -0.69
C VAL B 38 -1.61 16.93 -1.47
N ASN B 39 -2.81 17.49 -1.49
CA ASN B 39 -3.94 17.01 -2.32
C ASN B 39 -3.81 17.61 -3.74
N LEU B 40 -3.57 16.79 -4.76
CA LEU B 40 -3.40 17.27 -6.15
C LEU B 40 -4.75 17.85 -6.62
N ILE B 41 -5.86 17.21 -6.24
CA ILE B 41 -7.27 17.63 -6.56
C ILE B 41 -8.24 16.80 -5.72
N GLY B 42 -9.45 17.31 -5.51
CA GLY B 42 -10.50 16.63 -4.71
C GLY B 42 -10.56 17.21 -3.31
N GLU B 43 -11.01 18.46 -3.24
CA GLU B 43 -11.02 19.27 -2.00
C GLU B 43 -12.45 19.40 -1.52
N HIS B 44 -12.64 19.18 -0.21
CA HIS B 44 -13.95 19.22 0.50
C HIS B 44 -14.85 18.11 -0.03
N THR B 45 -14.24 16.98 -0.47
CA THR B 45 -14.95 15.75 -0.89
C THR B 45 -14.82 14.62 0.14
N ASP B 46 -13.75 14.56 0.95
CA ASP B 46 -13.51 13.36 1.81
C ASP B 46 -14.66 13.17 2.80
N TYR B 47 -15.16 14.25 3.41
CA TYR B 47 -16.24 14.11 4.43
C TYR B 47 -17.61 13.99 3.75
N ASN B 48 -17.65 14.10 2.41
CA ASN B 48 -18.85 13.86 1.55
C ASN B 48 -18.76 12.47 0.88
N GLN B 49 -18.00 11.54 1.47
CA GLN B 49 -17.75 10.18 0.96
C GLN B 49 -17.31 10.24 -0.51
N GLY B 50 -16.50 11.23 -0.88
CA GLY B 50 -16.07 11.51 -2.27
C GLY B 50 -14.77 10.84 -2.68
N LEU B 51 -14.10 11.42 -3.66
CA LEU B 51 -12.78 10.98 -4.15
C LEU B 51 -11.77 12.09 -3.89
N VAL B 52 -10.55 11.70 -3.50
CA VAL B 52 -9.41 12.65 -3.38
C VAL B 52 -8.21 12.03 -4.10
N LEU B 53 -7.25 12.87 -4.47
CA LEU B 53 -6.00 12.42 -5.12
C LEU B 53 -4.80 13.10 -4.46
N PRO B 54 -4.46 12.76 -3.20
CA PRO B 54 -3.25 13.30 -2.57
C PRO B 54 -1.96 12.54 -2.90
N MET B 55 -0.81 13.12 -2.56
CA MET B 55 0.44 12.35 -2.39
C MET B 55 1.12 12.71 -1.06
N ALA B 56 1.83 11.76 -0.47
CA ALA B 56 2.64 11.98 0.76
C ALA B 56 3.89 12.76 0.37
N LEU B 57 4.32 13.70 1.21
CA LEU B 57 5.52 14.56 0.98
C LEU B 57 6.72 13.97 1.72
N GLU B 58 7.92 14.47 1.41
CA GLU B 58 9.18 14.11 2.09
C GLU B 58 9.26 14.92 3.39
N LEU B 59 8.39 15.92 3.54
CA LEU B 59 8.13 16.63 4.82
C LEU B 59 7.45 15.66 5.79
N MET B 60 8.00 15.49 6.99
CA MET B 60 7.52 14.42 7.88
C MET B 60 7.73 14.78 9.34
N THR B 61 7.00 14.07 10.20
CA THR B 61 7.15 14.03 11.67
C THR B 61 7.89 12.74 12.04
N VAL B 62 8.96 12.85 12.85
CA VAL B 62 9.68 11.68 13.43
C VAL B 62 9.42 11.72 14.95
N LEU B 63 9.04 10.58 15.51
CA LEU B 63 8.86 10.34 16.96
C LEU B 63 9.91 9.33 17.38
N VAL B 64 10.67 9.66 18.42
CA VAL B 64 11.55 8.68 19.12
C VAL B 64 11.12 8.62 20.58
N GLY B 65 11.25 7.43 21.17
CA GLY B 65 10.89 7.21 22.58
C GLY B 65 11.21 5.84 23.11
N SER B 66 10.78 5.66 24.35
CA SER B 66 10.99 4.47 25.19
C SER B 66 9.74 4.24 26.01
N PRO B 67 9.39 2.96 26.25
CA PRO B 67 8.33 2.61 27.19
C PRO B 67 8.78 2.96 28.62
N ARG B 68 7.80 3.21 29.49
CA ARG B 68 8.02 3.50 30.92
C ARG B 68 7.29 2.42 31.71
N LYS B 69 7.58 2.32 32.99
CA LYS B 69 6.88 1.37 33.88
C LYS B 69 5.87 2.08 34.76
N ASP B 70 5.70 3.40 34.70
CA ASP B 70 4.92 4.15 35.71
C ASP B 70 3.56 4.60 35.13
N GLY B 71 3.20 4.24 33.91
CA GLY B 71 1.86 4.56 33.39
C GLY B 71 1.65 6.05 33.09
N LEU B 72 2.73 6.83 32.96
CA LEU B 72 2.72 8.29 32.62
C LEU B 72 3.15 8.45 31.17
N VAL B 73 2.75 9.55 30.54
CA VAL B 73 3.21 9.93 29.18
C VAL B 73 3.98 11.24 29.33
N SER B 74 5.22 11.27 28.85
CA SER B 74 6.07 12.48 28.93
C SER B 74 6.53 12.82 27.51
N LEU B 75 6.20 14.03 27.08
CA LEU B 75 6.33 14.52 25.68
C LEU B 75 7.22 15.76 25.64
N LEU B 76 8.03 15.86 24.60
CA LEU B 76 8.65 17.13 24.17
C LEU B 76 8.47 17.27 22.66
N THR B 77 7.92 18.38 22.21
CA THR B 77 7.97 18.80 20.80
C THR B 77 9.05 19.86 20.63
N THR B 78 9.93 19.71 19.65
CA THR B 78 10.93 20.74 19.21
C THR B 78 10.33 21.76 18.27
N SER B 79 9.07 21.67 17.83
CA SER B 79 8.49 22.62 16.83
C SER B 79 8.27 23.96 17.53
N GLU B 80 8.68 25.06 16.91
CA GLU B 80 8.66 26.38 17.59
C GLU B 80 7.24 26.98 17.44
N GLY B 81 6.47 26.50 16.44
CA GLY B 81 5.08 26.90 16.18
C GLY B 81 4.03 26.27 17.10
N ALA B 82 4.36 25.37 18.03
CA ALA B 82 3.36 24.80 18.98
C ALA B 82 3.07 25.82 20.09
N ASP B 83 1.90 25.78 20.73
CA ASP B 83 1.64 26.70 21.88
C ASP B 83 2.46 26.20 23.10
N GLU B 84 3.00 27.09 23.92
CA GLU B 84 3.83 26.68 25.09
C GLU B 84 2.90 26.14 26.19
N PRO B 85 3.38 25.23 27.06
CA PRO B 85 4.75 24.70 27.00
C PRO B 85 5.00 23.67 25.89
N GLN B 86 6.26 23.51 25.53
CA GLN B 86 6.75 22.51 24.55
C GLN B 86 6.81 21.15 25.21
N ARG B 87 6.68 21.13 26.54
CA ARG B 87 6.68 19.91 27.38
C ARG B 87 5.31 19.72 28.00
N LEU B 88 4.87 18.47 28.06
CA LEU B 88 3.66 18.08 28.81
C LEU B 88 3.85 16.65 29.30
N GLN B 89 3.34 16.39 30.49
CA GLN B 89 3.10 15.02 31.00
C GLN B 89 1.64 14.90 31.44
N PHE B 90 1.13 13.67 31.34
CA PHE B 90 -0.24 13.29 31.78
C PHE B 90 -0.25 11.78 32.00
N PRO B 91 -1.16 11.27 32.84
CA PRO B 91 -1.26 9.83 33.03
C PRO B 91 -2.02 9.23 31.84
N LEU B 92 -1.67 7.99 31.48
CA LEU B 92 -2.48 7.13 30.59
C LEU B 92 -3.92 7.19 31.06
N PRO B 93 -4.87 7.06 30.13
CA PRO B 93 -6.28 6.91 30.49
C PRO B 93 -6.42 5.51 31.10
N THR B 94 -7.42 5.36 31.98
CA THR B 94 -7.77 4.12 32.71
C THR B 94 -9.30 3.92 32.57
N ALA B 95 -9.83 2.83 33.14
CA ALA B 95 -11.27 2.54 33.30
C ALA B 95 -11.88 3.60 34.21
N GLN B 96 -11.10 4.13 35.16
CA GLN B 96 -11.62 5.11 36.15
C GLN B 96 -11.72 6.50 35.48
N ARG B 97 -10.84 6.83 34.55
CA ARG B 97 -10.69 8.24 34.09
C ARG B 97 -10.14 8.26 32.65
N SER B 98 -10.91 8.82 31.73
CA SER B 98 -10.45 9.07 30.33
C SER B 98 -9.69 10.39 30.31
N LEU B 99 -8.81 10.57 29.34
CA LEU B 99 -8.19 11.87 29.03
C LEU B 99 -9.25 12.84 28.52
N GLU B 100 -8.99 14.14 28.67
CA GLU B 100 -9.86 15.25 28.23
C GLU B 100 -8.95 16.21 27.47
N PRO B 101 -9.46 16.94 26.46
CA PRO B 101 -8.63 17.93 25.79
C PRO B 101 -8.30 19.04 26.80
N GLY B 102 -7.13 19.69 26.71
CA GLY B 102 -6.79 20.89 27.51
C GLY B 102 -5.67 21.72 26.89
N THR B 103 -4.76 22.28 27.70
CA THR B 103 -3.62 23.12 27.19
C THR B 103 -2.33 22.49 27.64
N PRO B 104 -1.24 22.54 26.85
CA PRO B 104 -1.25 23.18 25.54
C PRO B 104 -2.02 22.41 24.45
N ARG B 105 -2.59 23.12 23.47
CA ARG B 105 -3.50 22.50 22.45
C ARG B 105 -2.74 21.45 21.64
N TRP B 106 -1.48 21.70 21.33
CA TRP B 106 -0.75 20.76 20.46
C TRP B 106 -0.81 19.32 21.01
N ALA B 107 -0.80 19.12 22.34
CA ALA B 107 -0.73 17.74 22.89
C ALA B 107 -2.10 17.04 22.79
N ASN B 108 -3.19 17.78 22.63
CA ASN B 108 -4.53 17.20 22.36
C ASN B 108 -4.50 16.15 21.24
N TYR B 109 -3.73 16.35 20.17
CA TYR B 109 -3.57 15.38 19.07
C TYR B 109 -3.05 14.07 19.64
N VAL B 110 -2.03 14.13 20.50
CA VAL B 110 -1.36 12.91 21.03
C VAL B 110 -2.28 12.25 22.08
N LYS B 111 -2.92 13.06 22.93
CA LYS B 111 -3.89 12.58 23.94
C LYS B 111 -5.00 11.79 23.24
N GLY B 112 -5.53 12.33 22.15
CA GLY B 112 -6.65 11.71 21.41
C GLY B 112 -6.22 10.36 20.82
N VAL B 113 -5.05 10.26 20.21
CA VAL B 113 -4.64 8.98 19.58
C VAL B 113 -4.44 7.93 20.69
N ILE B 114 -3.84 8.31 21.82
CA ILE B 114 -3.72 7.39 23.01
C ILE B 114 -5.12 6.96 23.48
N GLN B 115 -6.05 7.90 23.65
CA GLN B 115 -7.41 7.59 24.14
C GLN B 115 -8.03 6.50 23.26
N TYR B 116 -7.96 6.62 21.94
CA TYR B 116 -8.72 5.72 21.02
C TYR B 116 -7.84 4.55 20.56
N TYR B 117 -6.61 4.46 20.99
CA TYR B 117 -5.74 3.36 20.52
C TYR B 117 -6.45 2.05 20.86
N PRO B 118 -6.68 1.12 19.90
CA PRO B 118 -7.58 0.01 20.13
C PRO B 118 -6.95 -1.18 20.86
N ALA B 119 -5.64 -1.27 21.02
CA ALA B 119 -4.98 -2.45 21.65
C ALA B 119 -4.52 -2.13 23.09
N ALA B 120 -4.42 -3.18 23.92
CA ALA B 120 -4.11 -3.13 25.38
C ALA B 120 -3.24 -4.32 25.74
N PRO B 121 -2.37 -4.26 26.77
CA PRO B 121 -2.12 -3.06 27.57
C PRO B 121 -1.06 -2.10 26.95
N LEU B 122 -1.39 -0.83 26.92
CA LEU B 122 -0.46 0.23 26.49
C LEU B 122 0.32 0.67 27.73
N PRO B 123 1.66 0.64 27.71
CA PRO B 123 2.47 1.21 28.79
C PRO B 123 2.64 2.72 28.60
N GLY B 124 3.08 3.42 29.65
CA GLY B 124 3.52 4.82 29.57
C GLY B 124 4.73 4.91 28.68
N PHE B 125 5.06 6.11 28.27
CA PHE B 125 6.26 6.25 27.44
C PHE B 125 6.79 7.68 27.54
N SER B 126 8.06 7.81 27.18
CA SER B 126 8.78 9.10 26.98
C SER B 126 8.98 9.28 25.50
N ALA B 127 8.73 10.46 24.96
CA ALA B 127 8.87 10.71 23.51
C ALA B 127 9.27 12.16 23.24
N VAL B 128 10.08 12.36 22.19
CA VAL B 128 10.31 13.68 21.53
C VAL B 128 9.74 13.62 20.10
N VAL B 129 9.04 14.69 19.71
CA VAL B 129 8.50 14.94 18.35
C VAL B 129 9.34 16.01 17.68
N VAL B 130 9.82 15.74 16.45
CA VAL B 130 10.45 16.73 15.52
C VAL B 130 9.69 16.68 14.19
N SER B 131 9.54 17.80 13.51
CA SER B 131 8.77 17.88 12.24
C SER B 131 9.39 18.87 11.26
N SER B 132 9.43 18.52 9.98
CA SER B 132 9.73 19.47 8.87
C SER B 132 8.43 19.89 8.17
N VAL B 133 7.27 19.39 8.60
CA VAL B 133 5.93 19.83 8.10
C VAL B 133 5.58 21.15 8.78
N PRO B 134 5.34 22.22 8.01
CA PRO B 134 5.10 23.54 8.62
C PRO B 134 3.76 23.48 9.37
N LEU B 135 3.73 23.84 10.66
CA LEU B 135 2.49 23.78 11.47
C LEU B 135 1.51 24.80 10.92
N GLY B 136 0.27 24.38 10.64
CA GLY B 136 -0.79 25.26 10.16
C GLY B 136 -0.61 25.63 8.69
N GLY B 137 0.22 24.89 7.96
CA GLY B 137 0.52 25.22 6.55
C GLY B 137 -0.42 24.60 5.52
N GLY B 138 -1.40 23.81 5.94
CA GLY B 138 -2.31 23.12 5.02
C GLY B 138 -1.63 21.93 4.36
N LEU B 139 -0.47 21.49 4.88
CA LEU B 139 0.22 20.25 4.43
C LEU B 139 0.05 19.11 5.46
N SER B 140 -0.93 19.20 6.36
CA SER B 140 -1.37 18.15 7.35
C SER B 140 -0.30 17.82 8.42
N SER B 141 0.28 18.81 9.08
CA SER B 141 1.10 18.57 10.30
C SER B 141 0.26 17.82 11.33
N SER B 142 -1.03 18.14 11.47
CA SER B 142 -1.95 17.48 12.45
C SER B 142 -2.04 15.98 12.17
N ALA B 143 -2.33 15.56 10.93
CA ALA B 143 -2.43 14.12 10.59
C ALA B 143 -1.09 13.43 10.78
N SER B 144 -0.02 14.09 10.34
CA SER B 144 1.37 13.59 10.41
C SER B 144 1.72 13.29 11.88
N LEU B 145 1.41 14.22 12.77
CA LEU B 145 1.62 14.04 14.23
C LEU B 145 0.76 12.86 14.71
N GLU B 146 -0.51 12.81 14.29
CA GLU B 146 -1.44 11.76 14.77
C GLU B 146 -0.89 10.38 14.33
N VAL B 147 -0.51 10.25 13.07
CA VAL B 147 -0.09 8.94 12.50
C VAL B 147 1.28 8.54 13.06
N ALA B 148 2.18 9.49 13.27
CA ALA B 148 3.47 9.19 13.94
C ALA B 148 3.15 8.65 15.34
N THR B 149 2.27 9.31 16.08
CA THR B 149 1.86 8.84 17.43
C THR B 149 1.32 7.41 17.30
N TYR B 150 0.31 7.19 16.44
CA TYR B 150 -0.32 5.85 16.27
C TYR B 150 0.76 4.79 16.01
N THR B 151 1.66 5.06 15.08
CA THR B 151 2.73 4.13 14.65
C THR B 151 3.71 3.86 15.82
N PHE B 152 4.01 4.87 16.62
CA PHE B 152 4.80 4.70 17.89
C PHE B 152 4.07 3.74 18.84
N LEU B 153 2.76 3.92 19.04
CA LEU B 153 1.96 3.07 19.96
C LEU B 153 1.99 1.62 19.48
N GLN B 154 1.97 1.40 18.16
CA GLN B 154 2.10 0.03 17.60
C GLN B 154 3.42 -0.63 18.04
N GLN B 155 4.50 0.15 18.12
CA GLN B 155 5.81 -0.41 18.58
C GLN B 155 5.71 -0.79 20.07
N LEU B 156 4.83 -0.18 20.88
CA LEU B 156 4.72 -0.50 22.34
C LEU B 156 3.74 -1.64 22.51
N CYS B 157 2.74 -1.72 21.65
CA CYS B 157 1.61 -2.66 21.82
C CYS B 157 0.95 -2.91 20.47
N PRO B 158 1.30 -4.01 19.76
CA PRO B 158 0.85 -4.21 18.37
C PRO B 158 -0.68 -4.25 18.26
N ASP B 159 -1.27 -3.64 17.22
CA ASP B 159 -2.74 -3.58 17.02
C ASP B 159 -3.14 -4.79 16.17
N SER B 160 -4.44 -5.00 15.95
CA SER B 160 -5.04 -6.20 15.26
C SER B 160 -5.70 -5.85 13.92
N GLY B 161 -5.84 -4.56 13.61
CA GLY B 161 -6.79 -4.09 12.59
C GLY B 161 -6.09 -3.72 11.30
N THR B 162 -6.82 -3.04 10.41
CA THR B 162 -6.35 -2.66 9.06
C THR B 162 -5.84 -1.23 9.17
N ILE B 163 -5.23 -0.79 8.10
CA ILE B 163 -4.71 0.58 7.90
C ILE B 163 -5.87 1.57 7.90
N ALA B 164 -7.07 1.17 7.47
CA ALA B 164 -8.25 2.07 7.45
C ALA B 164 -8.62 2.42 8.88
N ALA B 165 -8.64 1.42 9.76
CA ALA B 165 -9.00 1.56 11.19
C ALA B 165 -8.00 2.51 11.86
N ARG B 166 -6.70 2.38 11.54
CA ARG B 166 -5.66 3.28 12.11
C ARG B 166 -5.95 4.73 11.72
N ALA B 167 -6.34 4.94 10.46
CA ALA B 167 -6.67 6.28 9.90
C ALA B 167 -7.87 6.81 10.67
N GLN B 168 -8.82 5.94 10.95
CA GLN B 168 -10.09 6.34 11.62
C GLN B 168 -9.85 6.63 13.11
N VAL B 169 -8.90 5.94 13.75
CA VAL B 169 -8.48 6.25 15.15
C VAL B 169 -7.97 7.68 15.20
N CYS B 170 -7.10 8.04 14.26
CA CYS B 170 -6.46 9.38 14.23
C CYS B 170 -7.50 10.44 13.89
N GLN B 171 -8.40 10.15 12.94
CA GLN B 171 -9.54 11.03 12.61
C GLN B 171 -10.37 11.29 13.86
N GLN B 172 -10.67 10.23 14.62
CA GLN B 172 -11.50 10.32 15.86
C GLN B 172 -10.79 11.22 16.89
N ALA B 173 -9.51 11.04 17.08
CA ALA B 173 -8.66 11.93 17.92
C ALA B 173 -8.86 13.39 17.51
N GLU B 174 -8.78 13.67 16.22
CA GLU B 174 -8.90 15.06 15.72
C GLU B 174 -10.31 15.61 16.03
N HIS B 175 -11.35 14.77 15.91
CA HIS B 175 -12.76 15.19 16.14
C HIS B 175 -12.95 15.53 17.61
N SER B 176 -12.61 14.59 18.48
CA SER B 176 -12.98 14.58 19.94
C SER B 176 -12.03 15.49 20.73
N PHE B 177 -10.77 15.56 20.35
CA PHE B 177 -9.71 16.21 21.16
C PHE B 177 -9.28 17.53 20.55
N ALA B 178 -9.18 17.67 19.23
CA ALA B 178 -8.85 18.99 18.63
C ALA B 178 -10.12 19.73 18.24
N GLY B 179 -11.31 19.15 18.30
CA GLY B 179 -12.54 19.83 17.86
C GLY B 179 -12.54 20.13 16.35
N MET B 180 -11.89 19.30 15.52
CA MET B 180 -11.82 19.57 14.07
C MET B 180 -12.45 18.39 13.35
N PRO B 181 -13.66 18.56 12.78
CA PRO B 181 -14.43 17.44 12.20
C PRO B 181 -13.94 17.05 10.80
N CYS B 182 -12.67 16.66 10.70
CA CYS B 182 -11.98 16.40 9.42
C CYS B 182 -12.54 15.13 8.75
N GLY B 183 -12.35 15.01 7.44
CA GLY B 183 -12.63 13.77 6.70
C GLY B 183 -11.42 12.87 6.89
N ILE B 184 -11.27 11.80 6.10
CA ILE B 184 -10.25 10.76 6.37
C ILE B 184 -8.96 10.99 5.58
N MET B 185 -8.93 11.91 4.63
CA MET B 185 -7.83 11.92 3.60
C MET B 185 -6.46 11.99 4.26
N ASP B 186 -6.24 12.99 5.14
CA ASP B 186 -4.84 13.36 5.57
C ASP B 186 -4.23 12.17 6.31
N GLN B 187 -5.04 11.50 7.11
CA GLN B 187 -4.55 10.34 7.90
C GLN B 187 -4.26 9.20 6.94
N PHE B 188 -5.17 9.00 5.98
CA PHE B 188 -5.13 7.85 5.04
C PHE B 188 -3.87 7.99 4.19
N ILE B 189 -3.55 9.19 3.73
CA ILE B 189 -2.36 9.34 2.84
C ILE B 189 -1.08 9.19 3.66
N SER B 190 -1.06 9.70 4.91
CA SER B 190 0.12 9.56 5.80
C SER B 190 0.41 8.07 5.98
N LEU B 191 -0.62 7.26 6.16
CA LEU B 191 -0.43 5.81 6.37
C LEU B 191 -0.09 5.08 5.08
N MET B 192 -0.75 5.44 3.97
CA MET B 192 -0.89 4.55 2.79
C MET B 192 0.02 5.04 1.63
N GLY B 193 0.61 6.23 1.74
CA GLY B 193 1.45 6.81 0.68
C GLY B 193 2.47 5.82 0.16
N GLN B 194 2.83 5.90 -1.12
CA GLN B 194 3.89 5.05 -1.72
C GLN B 194 4.83 5.96 -2.51
N LYS B 195 6.12 5.67 -2.45
CA LYS B 195 7.07 6.51 -3.18
C LYS B 195 6.74 6.41 -4.68
N GLY B 196 6.74 7.58 -5.35
CA GLY B 196 6.51 7.68 -6.81
C GLY B 196 5.06 7.43 -7.19
N HIS B 197 4.13 7.62 -6.26
CA HIS B 197 2.67 7.40 -6.49
C HIS B 197 1.84 8.48 -5.82
N ALA B 198 0.80 8.95 -6.50
CA ALA B 198 -0.36 9.59 -5.84
C ALA B 198 -1.35 8.47 -5.55
N LEU B 199 -2.31 8.74 -4.69
CA LEU B 199 -3.36 7.78 -4.31
C LEU B 199 -4.71 8.36 -4.64
N LEU B 200 -5.46 7.68 -5.51
CA LEU B 200 -6.91 7.89 -5.65
C LEU B 200 -7.58 7.17 -4.48
N ILE B 201 -8.18 7.92 -3.57
CA ILE B 201 -8.81 7.34 -2.37
C ILE B 201 -10.30 7.54 -2.53
N ASP B 202 -11.04 6.43 -2.44
CA ASP B 202 -12.51 6.41 -2.45
C ASP B 202 -12.92 6.43 -0.99
N CYS B 203 -13.42 7.58 -0.53
CA CYS B 203 -13.75 7.83 0.89
C CYS B 203 -15.11 7.21 1.23
N ARG B 204 -15.83 6.66 0.22
CA ARG B 204 -17.02 5.80 0.46
C ARG B 204 -16.57 4.34 0.71
N SER B 205 -15.92 3.70 -0.23
CA SER B 205 -15.50 2.27 -0.13
C SER B 205 -14.18 2.12 0.68
N LEU B 206 -13.33 3.14 0.68
CA LEU B 206 -11.94 3.07 1.23
C LEU B 206 -11.07 2.13 0.40
N GLU B 207 -11.45 1.93 -0.85
CA GLU B 207 -10.57 1.44 -1.94
C GLU B 207 -9.58 2.54 -2.31
N THR B 208 -8.38 2.11 -2.63
CA THR B 208 -7.21 2.95 -2.92
C THR B 208 -6.59 2.44 -4.22
N SER B 209 -6.34 3.36 -5.16
CA SER B 209 -5.60 3.11 -6.41
C SER B 209 -4.31 3.92 -6.40
N LEU B 210 -3.18 3.23 -6.56
CA LEU B 210 -1.86 3.88 -6.80
C LEU B 210 -1.81 4.31 -8.26
N VAL B 211 -1.61 5.60 -8.51
CA VAL B 211 -1.32 6.09 -9.88
C VAL B 211 0.15 6.49 -9.92
N PRO B 212 1.03 5.79 -10.71
CA PRO B 212 2.42 6.23 -10.92
C PRO B 212 2.58 7.72 -11.21
N LEU B 213 3.58 8.35 -10.56
CA LEU B 213 4.20 9.64 -10.93
C LEU B 213 5.68 9.39 -11.29
N SER B 214 5.90 8.71 -12.41
CA SER B 214 7.19 8.11 -12.80
C SER B 214 7.91 8.96 -13.87
N ASP B 215 7.75 10.30 -13.85
CA ASP B 215 8.14 11.16 -15.01
C ASP B 215 9.07 12.30 -14.57
N PRO B 216 10.37 12.27 -14.95
CA PRO B 216 11.32 13.32 -14.55
C PRO B 216 11.10 14.70 -15.21
N LYS B 217 10.30 14.74 -16.29
CA LYS B 217 9.87 16.00 -16.96
C LYS B 217 8.86 16.76 -16.08
N LEU B 218 8.23 16.07 -15.12
CA LEU B 218 7.06 16.59 -14.36
C LEU B 218 7.47 16.91 -12.92
N ALA B 219 7.13 18.14 -12.50
CA ALA B 219 7.38 18.71 -11.17
C ALA B 219 6.04 19.13 -10.54
N VAL B 220 5.88 18.76 -9.29
CA VAL B 220 4.88 19.33 -8.35
C VAL B 220 5.57 20.41 -7.53
N LEU B 221 5.16 21.67 -7.72
CA LEU B 221 5.59 22.81 -6.88
C LEU B 221 4.47 23.14 -5.88
N ILE B 222 4.84 23.11 -4.61
CA ILE B 222 3.99 23.58 -3.48
C ILE B 222 4.46 24.97 -3.13
N THR B 223 3.54 25.92 -3.06
CA THR B 223 3.82 27.31 -2.67
C THR B 223 3.05 27.59 -1.38
N ASN B 224 3.78 27.78 -0.28
CA ASN B 224 3.20 28.22 1.02
C ASN B 224 3.03 29.74 1.00
N SER B 225 1.79 30.20 1.19
CA SER B 225 1.44 31.65 1.20
C SER B 225 1.97 32.28 2.50
N ASN B 226 2.35 31.42 3.45
CA ASN B 226 2.65 31.69 4.89
C ASN B 226 1.57 32.61 5.50
N VAL B 227 0.34 32.52 5.00
CA VAL B 227 -0.85 33.19 5.57
C VAL B 227 -1.72 32.10 6.20
N ARG B 228 -2.22 32.35 7.41
CA ARG B 228 -3.25 31.51 8.07
C ARG B 228 -4.35 32.44 8.61
N HIS B 229 -5.26 32.91 7.72
CA HIS B 229 -6.50 33.68 8.05
C HIS B 229 -7.32 32.89 9.09
N SER B 230 -8.16 33.58 9.86
CA SER B 230 -8.85 33.04 11.06
C SER B 230 -10.29 32.60 10.72
N LEU B 231 -10.46 31.90 9.58
CA LEU B 231 -11.70 31.14 9.24
C LEU B 231 -11.41 29.61 9.33
N ALA B 232 -10.15 29.21 9.54
CA ALA B 232 -9.63 27.82 9.40
C ALA B 232 -10.56 26.81 10.10
N SER B 233 -10.18 26.30 11.28
CA SER B 233 -11.10 25.62 12.25
C SER B 233 -12.04 26.70 12.83
N SER B 234 -12.69 27.46 11.92
CA SER B 234 -13.92 28.26 12.14
C SER B 234 -14.99 27.96 11.05
N GLU B 235 -14.70 28.12 9.75
CA GLU B 235 -15.74 27.97 8.68
C GLU B 235 -15.76 26.54 8.10
N TYR B 236 -14.75 25.75 8.38
CA TYR B 236 -14.65 24.34 7.94
C TYR B 236 -15.84 23.53 8.49
N PRO B 237 -16.11 23.50 9.82
CA PRO B 237 -17.27 22.78 10.34
C PRO B 237 -18.59 23.30 9.76
N VAL B 238 -18.64 24.57 9.41
CA VAL B 238 -19.88 25.15 8.83
C VAL B 238 -20.12 24.53 7.44
N ARG B 239 -19.05 24.31 6.66
CA ARG B 239 -19.17 23.74 5.28
C ARG B 239 -19.61 22.27 5.41
N ARG B 240 -18.96 21.50 6.29
CA ARG B 240 -19.31 20.08 6.48
C ARG B 240 -20.80 19.96 6.81
N ARG B 241 -21.30 20.69 7.81
CA ARG B 241 -22.73 20.63 8.24
C ARG B 241 -23.67 21.04 7.10
N GLN B 242 -23.30 22.04 6.31
CA GLN B 242 -24.12 22.50 5.16
C GLN B 242 -24.25 21.39 4.11
N CYS B 243 -23.14 20.75 3.76
CA CYS B 243 -23.14 19.58 2.86
C CYS B 243 -24.09 18.49 3.38
N GLU B 244 -23.94 18.12 4.66
CA GLU B 244 -24.73 17.04 5.31
C GLU B 244 -26.23 17.39 5.28
N GLU B 245 -26.60 18.66 5.42
CA GLU B 245 -28.03 19.05 5.34
C GLU B 245 -28.53 18.91 3.91
N VAL B 246 -27.73 19.28 2.90
CA VAL B 246 -28.19 19.12 1.48
C VAL B 246 -28.46 17.64 1.21
N ALA B 247 -27.51 16.75 1.55
CA ALA B 247 -27.70 15.29 1.40
C ALA B 247 -29.00 14.85 2.10
N ARG B 248 -29.20 15.18 3.37
CA ARG B 248 -30.38 14.63 4.10
C ARG B 248 -31.68 15.20 3.47
N ALA B 249 -31.71 16.46 3.05
CA ALA B 249 -32.88 17.14 2.44
C ALA B 249 -33.17 16.62 1.02
N LEU B 250 -32.18 15.96 0.38
CA LEU B 250 -32.30 15.27 -0.92
C LEU B 250 -32.55 13.78 -0.69
N GLY B 251 -32.52 13.31 0.56
CA GLY B 251 -32.77 11.90 0.92
C GLY B 251 -31.61 10.99 0.53
N ALA B 252 -30.40 11.53 0.40
CA ALA B 252 -29.16 10.77 0.10
C ALA B 252 -28.33 10.60 1.36
N ALA B 253 -27.61 9.49 1.48
CA ALA B 253 -26.75 9.20 2.64
C ALA B 253 -25.53 10.14 2.63
N SER B 254 -25.16 10.67 1.46
CA SER B 254 -24.03 11.61 1.28
C SER B 254 -24.16 12.30 -0.05
N LEU B 255 -23.37 13.33 -0.31
CA LEU B 255 -23.42 14.01 -1.63
C LEU B 255 -22.75 13.14 -2.71
N ARG B 256 -21.99 12.09 -2.33
CA ARG B 256 -21.43 11.10 -3.30
C ARG B 256 -22.59 10.47 -4.08
N GLU B 257 -23.75 10.28 -3.46
CA GLU B 257 -24.95 9.64 -4.04
C GLU B 257 -25.74 10.65 -4.87
N VAL B 258 -25.31 11.91 -4.96
CA VAL B 258 -26.06 12.98 -5.67
C VAL B 258 -25.30 13.39 -6.95
N GLN B 259 -26.00 13.67 -8.05
CA GLN B 259 -25.40 14.23 -9.31
C GLN B 259 -25.98 15.62 -9.57
N LEU B 260 -25.26 16.42 -10.35
CA LEU B 260 -25.64 17.84 -10.66
C LEU B 260 -27.11 17.92 -11.16
N GLU B 261 -27.65 16.85 -11.73
CA GLU B 261 -28.99 16.89 -12.39
C GLU B 261 -30.09 16.77 -11.32
N GLU B 262 -29.91 15.92 -10.30
CA GLU B 262 -30.80 15.85 -9.10
C GLU B 262 -30.71 17.17 -8.33
N LEU B 263 -29.49 17.68 -8.13
CA LEU B 263 -29.22 18.94 -7.37
C LEU B 263 -29.96 20.11 -8.04
N GLU B 264 -29.80 20.29 -9.35
CA GLU B 264 -30.47 21.35 -10.13
C GLU B 264 -32.00 21.22 -9.97
N ALA B 265 -32.50 19.99 -9.86
CA ALA B 265 -33.95 19.68 -9.83
C ALA B 265 -34.50 19.86 -8.41
N ALA B 266 -33.65 19.80 -7.40
CA ALA B 266 -34.00 19.92 -5.96
C ALA B 266 -33.60 21.30 -5.43
N ARG B 267 -33.45 22.31 -6.29
CA ARG B 267 -32.94 23.66 -5.91
C ARG B 267 -33.88 24.29 -4.86
N ASP B 268 -35.18 24.09 -4.99
CA ASP B 268 -36.21 24.66 -4.07
C ASP B 268 -36.24 23.95 -2.71
N LEU B 269 -35.54 22.83 -2.54
CA LEU B 269 -35.53 22.03 -1.28
C LEU B 269 -34.41 22.48 -0.35
N VAL B 270 -33.49 23.34 -0.80
CA VAL B 270 -32.26 23.71 -0.03
C VAL B 270 -32.01 25.22 -0.16
N SER B 271 -31.16 25.76 0.72
CA SER B 271 -30.74 27.20 0.69
C SER B 271 -29.96 27.45 -0.61
N LYS B 272 -29.92 28.72 -1.05
CA LYS B 272 -29.12 29.18 -2.22
C LYS B 272 -27.66 28.79 -1.97
N GLU B 273 -27.18 29.06 -0.76
CA GLU B 273 -25.79 28.76 -0.33
C GLU B 273 -25.59 27.23 -0.33
N GLY B 274 -26.56 26.46 0.17
CA GLY B 274 -26.46 24.98 0.23
C GLY B 274 -26.27 24.38 -1.15
N PHE B 275 -27.06 24.85 -2.11
CA PHE B 275 -26.97 24.44 -3.52
C PHE B 275 -25.52 24.62 -4.01
N ARG B 276 -24.97 25.82 -3.84
CA ARG B 276 -23.60 26.22 -4.29
C ARG B 276 -22.56 25.30 -3.63
N ARG B 277 -22.60 25.13 -2.30
CA ARG B 277 -21.66 24.18 -1.64
C ARG B 277 -21.74 22.81 -2.32
N ALA B 278 -22.96 22.30 -2.50
CA ALA B 278 -23.20 20.92 -2.98
C ALA B 278 -22.78 20.84 -4.45
N ARG B 279 -22.98 21.91 -5.22
CA ARG B 279 -22.56 21.97 -6.65
C ARG B 279 -21.05 21.77 -6.74
N HIS B 280 -20.28 22.44 -5.87
CA HIS B 280 -18.80 22.27 -5.80
C HIS B 280 -18.45 20.79 -5.60
N VAL B 281 -19.14 20.10 -4.69
CA VAL B 281 -18.75 18.74 -4.19
C VAL B 281 -19.03 17.71 -5.28
N VAL B 282 -20.19 17.76 -5.92
CA VAL B 282 -20.51 16.78 -7.01
C VAL B 282 -19.56 17.04 -8.20
N GLY B 283 -19.36 18.30 -8.56
CA GLY B 283 -18.37 18.71 -9.57
C GLY B 283 -16.99 18.18 -9.23
N GLU B 284 -16.54 18.44 -8.01
CA GLU B 284 -15.17 18.12 -7.54
C GLU B 284 -14.96 16.60 -7.60
N ILE B 285 -15.95 15.78 -7.22
CA ILE B 285 -15.87 14.28 -7.26
C ILE B 285 -15.66 13.80 -8.70
N ARG B 286 -16.38 14.41 -9.66
CA ARG B 286 -16.28 14.08 -11.11
C ARG B 286 -14.90 14.53 -11.62
N ARG B 287 -14.52 15.80 -11.36
CA ARG B 287 -13.17 16.32 -11.70
C ARG B 287 -12.04 15.40 -11.21
N THR B 288 -12.12 14.77 -10.04
CA THR B 288 -10.95 14.02 -9.49
C THR B 288 -10.96 12.60 -10.08
N ALA B 289 -12.12 12.03 -10.39
CA ALA B 289 -12.21 10.76 -11.16
C ALA B 289 -11.57 10.97 -12.55
N GLN B 290 -11.91 12.09 -13.19
CA GLN B 290 -11.41 12.46 -14.54
C GLN B 290 -9.91 12.74 -14.44
N ALA B 291 -9.47 13.46 -13.40
CA ALA B 291 -8.05 13.89 -13.24
C ALA B 291 -7.15 12.65 -13.04
N ALA B 292 -7.57 11.71 -12.18
CA ALA B 292 -6.91 10.40 -12.00
C ALA B 292 -6.68 9.71 -13.37
N ALA B 293 -7.73 9.51 -14.16
CA ALA B 293 -7.67 8.91 -15.52
C ALA B 293 -6.66 9.66 -16.41
N ALA B 294 -6.75 10.99 -16.43
CA ALA B 294 -5.82 11.90 -17.16
C ALA B 294 -4.41 11.57 -16.73
N LEU B 295 -4.15 11.65 -15.42
CA LEU B 295 -2.79 11.46 -14.84
C LEU B 295 -2.24 10.10 -15.28
N ARG B 296 -3.04 9.02 -15.17
CA ARG B 296 -2.67 7.66 -15.67
C ARG B 296 -2.27 7.73 -17.15
N ARG B 297 -3.04 8.43 -18.01
CA ARG B 297 -2.76 8.45 -19.48
C ARG B 297 -1.62 9.45 -19.78
N GLY B 298 -1.14 10.22 -18.80
CA GLY B 298 0.03 11.11 -18.95
C GLY B 298 -0.36 12.44 -19.59
N ASP B 299 -1.65 12.77 -19.56
CA ASP B 299 -2.27 14.00 -20.13
C ASP B 299 -2.30 15.11 -19.07
N TYR B 300 -1.13 15.71 -18.80
CA TYR B 300 -0.89 16.82 -17.86
C TYR B 300 -1.71 18.06 -18.21
N ARG B 301 -1.87 18.36 -19.49
CA ARG B 301 -2.62 19.54 -19.99
C ARG B 301 -4.01 19.50 -19.36
N ALA B 302 -4.66 18.35 -19.49
CA ALA B 302 -6.06 18.12 -19.06
C ALA B 302 -6.09 18.06 -17.52
N PHE B 303 -5.08 17.47 -16.89
CA PHE B 303 -5.03 17.42 -15.40
C PHE B 303 -4.98 18.86 -14.86
N GLY B 304 -4.10 19.68 -15.44
CA GLY B 304 -3.97 21.12 -15.16
C GLY B 304 -5.31 21.82 -15.30
N ARG B 305 -6.06 21.53 -16.38
CA ARG B 305 -7.37 22.18 -16.69
C ARG B 305 -8.28 21.91 -15.50
N LEU B 306 -8.47 20.63 -15.16
CA LEU B 306 -9.35 20.20 -14.04
C LEU B 306 -8.91 20.84 -12.71
N MET B 307 -7.59 21.00 -12.48
CA MET B 307 -7.03 21.70 -11.29
C MET B 307 -7.57 23.13 -11.26
N VAL B 308 -7.51 23.83 -12.38
CA VAL B 308 -7.89 25.27 -12.42
C VAL B 308 -9.41 25.36 -12.19
N GLU B 309 -10.20 24.42 -12.73
CA GLU B 309 -11.67 24.35 -12.50
C GLU B 309 -11.95 24.06 -11.02
N SER B 310 -11.14 23.19 -10.37
CA SER B 310 -11.17 22.93 -8.91
C SER B 310 -11.01 24.26 -8.16
N HIS B 311 -9.99 25.06 -8.51
CA HIS B 311 -9.74 26.36 -7.81
C HIS B 311 -10.94 27.29 -7.95
N ARG B 312 -11.42 27.52 -9.17
CA ARG B 312 -12.60 28.38 -9.45
C ARG B 312 -13.78 27.97 -8.56
N SER B 313 -14.09 26.67 -8.52
CA SER B 313 -15.22 26.09 -7.76
C SER B 313 -15.02 26.35 -6.26
N LEU B 314 -13.85 26.00 -5.71
CA LEU B 314 -13.43 26.28 -4.31
C LEU B 314 -13.55 27.78 -3.98
N ARG B 315 -13.12 28.66 -4.87
CA ARG B 315 -13.11 30.12 -4.62
C ARG B 315 -14.53 30.70 -4.62
N ASP B 316 -15.38 30.32 -5.58
CA ASP B 316 -16.71 30.97 -5.83
C ASP B 316 -17.85 30.20 -5.19
N ASP B 317 -17.99 28.90 -5.50
CA ASP B 317 -19.13 28.08 -5.00
C ASP B 317 -18.88 27.67 -3.54
N TYR B 318 -17.69 27.20 -3.17
CA TYR B 318 -17.43 26.71 -1.79
C TYR B 318 -16.93 27.83 -0.85
N GLU B 319 -16.43 28.95 -1.40
CA GLU B 319 -15.86 30.12 -0.68
C GLU B 319 -14.92 29.68 0.44
N VAL B 320 -13.79 29.07 0.09
CA VAL B 320 -12.72 28.66 1.07
C VAL B 320 -11.33 29.04 0.52
N SER B 321 -11.23 29.88 -0.52
CA SER B 321 -9.94 30.47 -0.98
C SER B 321 -9.69 31.75 -0.18
N CYS B 322 -8.80 32.63 -0.64
CA CYS B 322 -8.49 33.93 0.01
C CYS B 322 -7.60 34.75 -0.92
N PRO B 323 -7.57 36.10 -0.80
CA PRO B 323 -6.92 36.90 -1.84
C PRO B 323 -5.50 36.37 -2.13
N GLU B 324 -4.79 35.93 -1.08
CA GLU B 324 -3.38 35.47 -1.14
C GLU B 324 -3.28 34.21 -2.02
N LEU B 325 -4.18 33.25 -1.85
CA LEU B 325 -4.18 31.97 -2.60
C LEU B 325 -4.58 32.23 -4.06
N ASP B 326 -5.59 33.08 -4.28
CA ASP B 326 -6.05 33.53 -5.61
C ASP B 326 -4.85 34.14 -6.36
N GLN B 327 -4.03 34.92 -5.67
CA GLN B 327 -2.94 35.73 -6.28
C GLN B 327 -1.82 34.77 -6.73
N LEU B 328 -1.48 33.81 -5.87
CA LEU B 328 -0.50 32.73 -6.15
C LEU B 328 -0.96 31.89 -7.34
N VAL B 329 -2.24 31.54 -7.39
CA VAL B 329 -2.77 30.66 -8.47
C VAL B 329 -2.63 31.43 -9.78
N GLU B 330 -3.04 32.69 -9.84
CA GLU B 330 -3.01 33.55 -11.07
C GLU B 330 -1.55 33.73 -11.54
N ALA B 331 -0.68 34.19 -10.63
CA ALA B 331 0.76 34.40 -10.86
C ALA B 331 1.40 33.15 -11.48
N ALA B 332 0.99 31.95 -11.04
CA ALA B 332 1.56 30.64 -11.45
C ALA B 332 1.08 30.30 -12.87
N LEU B 333 -0.17 30.65 -13.19
CA LEU B 333 -0.80 30.35 -14.49
C LEU B 333 -0.22 31.25 -15.60
N ALA B 334 0.32 32.43 -15.25
CA ALA B 334 1.04 33.36 -16.17
C ALA B 334 2.34 32.72 -16.69
N VAL B 335 2.95 31.77 -15.96
CA VAL B 335 4.29 31.22 -16.25
C VAL B 335 4.21 30.18 -17.36
N PRO B 336 4.93 30.37 -18.50
CA PRO B 336 5.05 29.32 -19.52
C PRO B 336 5.59 28.04 -18.86
N GLY B 337 4.91 26.91 -19.08
CA GLY B 337 5.34 25.60 -18.58
C GLY B 337 4.49 25.06 -17.44
N VAL B 338 3.56 25.83 -16.87
CA VAL B 338 2.66 25.27 -15.81
C VAL B 338 1.38 24.76 -16.46
N TYR B 339 0.95 23.56 -16.04
CA TYR B 339 -0.32 22.90 -16.46
C TYR B 339 -1.48 23.51 -15.66
N GLY B 340 -1.39 23.49 -14.33
CA GLY B 340 -2.46 24.04 -13.47
C GLY B 340 -1.93 24.43 -12.12
N SER B 341 -2.74 25.22 -11.40
CA SER B 341 -2.48 25.65 -10.01
C SER B 341 -3.82 25.86 -9.33
N ARG B 342 -3.87 25.63 -8.02
CA ARG B 342 -5.09 25.62 -7.18
C ARG B 342 -4.66 25.62 -5.72
N MET B 343 -5.53 26.10 -4.83
CA MET B 343 -5.36 25.90 -3.36
C MET B 343 -5.45 24.40 -3.09
N THR B 344 -4.74 23.92 -2.07
CA THR B 344 -4.84 22.54 -1.55
C THR B 344 -5.13 22.67 -0.06
N GLY B 345 -5.65 21.61 0.55
CA GLY B 345 -6.05 21.60 1.97
C GLY B 345 -7.38 22.30 2.18
N GLY B 346 -7.68 22.64 3.45
CA GLY B 346 -8.99 23.18 3.88
C GLY B 346 -9.25 24.58 3.37
N GLY B 347 -8.19 25.34 3.09
CA GLY B 347 -8.31 26.71 2.56
C GLY B 347 -8.15 27.78 3.62
N PHE B 348 -8.56 29.00 3.26
CA PHE B 348 -8.41 30.26 4.03
C PHE B 348 -6.93 30.56 4.33
N GLY B 349 -6.01 30.11 3.49
CA GLY B 349 -4.58 30.15 3.81
C GLY B 349 -3.93 28.84 3.43
N GLY B 350 -2.72 28.61 3.91
CA GLY B 350 -1.89 27.45 3.54
C GLY B 350 -1.26 27.64 2.17
N CYS B 351 -1.23 26.55 1.41
CA CYS B 351 -0.45 26.37 0.17
C CYS B 351 -1.37 26.30 -1.05
N THR B 352 -0.76 26.57 -2.20
CA THR B 352 -1.18 26.12 -3.56
C THR B 352 -0.31 24.94 -4.01
N VAL B 353 -0.86 24.12 -4.87
CA VAL B 353 -0.15 23.03 -5.58
C VAL B 353 -0.17 23.38 -7.07
N THR B 354 1.01 23.43 -7.68
CA THR B 354 1.22 23.73 -9.11
C THR B 354 1.88 22.52 -9.76
N LEU B 355 1.26 22.04 -10.84
CA LEU B 355 1.82 20.98 -11.72
C LEU B 355 2.44 21.69 -12.93
N LEU B 356 3.69 21.36 -13.27
CA LEU B 356 4.39 22.05 -14.37
C LEU B 356 5.54 21.20 -14.93
N GLU B 357 6.08 21.63 -16.08
CA GLU B 357 7.35 21.12 -16.66
C GLU B 357 8.48 21.37 -15.66
N ALA B 358 9.22 20.33 -15.27
CA ALA B 358 10.36 20.40 -14.33
C ALA B 358 11.31 21.55 -14.73
N SER B 359 11.59 21.74 -16.02
CA SER B 359 12.50 22.79 -16.52
C SER B 359 11.94 24.20 -16.22
N ALA B 360 10.64 24.33 -15.94
CA ALA B 360 9.96 25.63 -15.68
C ALA B 360 10.05 26.01 -14.20
N ALA B 361 10.42 25.09 -13.33
CA ALA B 361 10.30 25.28 -11.87
C ALA B 361 11.07 26.53 -11.44
N PRO B 362 12.39 26.67 -11.75
CA PRO B 362 13.14 27.88 -11.39
C PRO B 362 12.47 29.22 -11.76
N HIS B 363 11.94 29.34 -12.99
CA HIS B 363 11.19 30.52 -13.52
C HIS B 363 9.89 30.66 -12.72
N ALA B 364 9.09 29.58 -12.65
CA ALA B 364 7.81 29.50 -11.90
C ALA B 364 7.98 30.17 -10.53
N MET B 365 8.97 29.73 -9.74
CA MET B 365 9.28 30.23 -8.38
C MET B 365 9.69 31.70 -8.44
N ARG B 366 10.67 32.02 -9.28
CA ARG B 366 11.12 33.41 -9.50
C ARG B 366 9.88 34.28 -9.79
N HIS B 367 9.01 33.89 -10.72
CA HIS B 367 7.81 34.67 -11.13
C HIS B 367 6.87 34.85 -9.92
N ILE B 368 6.39 33.76 -9.33
CA ILE B 368 5.31 33.73 -8.28
C ILE B 368 5.66 34.67 -7.14
N GLN B 369 6.91 34.63 -6.68
CA GLN B 369 7.41 35.38 -5.49
C GLN B 369 7.37 36.88 -5.78
N GLU B 370 7.75 37.27 -7.00
CA GLU B 370 7.69 38.66 -7.53
C GLU B 370 6.24 39.12 -7.49
N HIS B 371 5.35 38.32 -8.10
CA HIS B 371 3.91 38.63 -8.30
C HIS B 371 3.09 38.25 -7.06
N TYR B 372 3.69 38.16 -5.86
CA TYR B 372 2.97 37.88 -4.59
C TYR B 372 3.26 39.00 -3.57
N GLY B 373 2.19 39.56 -3.00
CA GLY B 373 2.23 40.59 -1.94
C GLY B 373 3.13 40.21 -0.78
N GLY B 374 2.87 39.06 -0.16
CA GLY B 374 3.61 38.59 1.03
C GLY B 374 4.91 37.89 0.68
N THR B 375 5.30 36.89 1.48
CA THR B 375 6.53 36.08 1.31
C THR B 375 6.18 34.59 1.20
N ALA B 376 6.18 34.06 -0.01
CA ALA B 376 5.98 32.63 -0.32
C ALA B 376 7.25 31.86 0.04
N THR B 377 7.12 30.66 0.61
CA THR B 377 8.19 29.62 0.55
C THR B 377 7.72 28.58 -0.47
N PHE B 378 8.64 27.78 -1.02
CA PHE B 378 8.34 26.78 -2.07
C PHE B 378 8.88 25.40 -1.69
N TYR B 379 8.21 24.35 -2.15
CA TYR B 379 8.73 22.97 -2.07
C TYR B 379 8.64 22.33 -3.45
N LEU B 380 9.76 21.85 -3.98
CA LEU B 380 9.70 20.83 -5.06
C LEU B 380 9.60 19.47 -4.39
N SER B 381 8.45 18.81 -4.55
CA SER B 381 8.07 17.58 -3.82
C SER B 381 7.98 16.40 -4.78
N GLN B 382 8.54 15.26 -4.42
CA GLN B 382 8.19 13.96 -5.05
C GLN B 382 7.27 13.17 -4.11
N ALA B 383 6.42 12.33 -4.67
CA ALA B 383 5.54 11.40 -3.94
C ALA B 383 6.42 10.52 -3.04
N ALA B 384 6.15 10.55 -1.73
CA ALA B 384 6.94 9.86 -0.70
C ALA B 384 6.19 8.63 -0.18
N ASP B 385 6.93 7.78 0.51
CA ASP B 385 6.39 6.65 1.29
C ASP B 385 5.53 7.22 2.40
N GLY B 386 4.69 6.36 2.97
CA GLY B 386 3.87 6.61 4.17
C GLY B 386 4.61 6.18 5.44
N ALA B 387 3.85 6.07 6.52
CA ALA B 387 4.38 5.89 7.90
C ALA B 387 5.22 4.61 7.95
N LYS B 388 6.34 4.63 8.67
CA LYS B 388 7.14 3.42 8.89
C LYS B 388 7.86 3.47 10.25
N VAL B 389 8.31 2.27 10.66
N VAL B 389 8.32 2.30 10.66
CA VAL B 389 9.20 2.00 11.82
CA VAL B 389 9.17 2.12 11.87
C VAL B 389 10.61 2.31 11.36
C VAL B 389 10.61 2.27 11.42
N LEU B 390 11.40 3.02 12.18
CA LEU B 390 12.85 3.21 12.00
C LEU B 390 13.52 2.44 13.13
N CYS B 391 14.35 1.44 12.79
CA CYS B 391 15.02 0.57 13.77
C CYS B 391 16.27 1.29 14.22
N LEU B 392 16.36 1.59 15.53
CA LEU B 392 17.54 2.25 16.16
C LEU B 392 18.52 1.16 16.55
#